data_3GOA
#
_entry.id   3GOA
#
_cell.length_a   73.0
_cell.length_b   64.5
_cell.length_c   74.4
_cell.angle_alpha   90.0
_cell.angle_beta   104.5
_cell.angle_gamma   90.0
#
_symmetry.space_group_name_H-M   'P 1 21 1'
#
loop_
_entity.id
_entity.type
_entity.pdbx_description
1 polymer '3-ketoacyl-CoA thiolase'
2 non-polymer 'CHLORIDE ION'
3 non-polymer 'CALCIUM ION'
4 non-polymer 'SODIUM ION'
5 water water
#
_entity_poly.entity_id   1
_entity_poly.type   'polypeptide(L)'
_entity_poly.pdbx_seq_one_letter_code
;(MSE)EQVVIVDAIRTP(MSE)GRSKGGAFRNVRAEDLSAHL(MSE)RSLLARNPSLTAATLDDIYWGCVQQTLEQGFNI
ARNAALLAEIPHSVPAVTVNRLCGSS(MSE)QALHDAAR(MSE)I(MSE)TGDAQVCLVGGVEH(MSE)GHVP(MSE)SH
GVDFHPGLSRNVAKAAG(MSE)(MSE)GLTAE(MSE)LSRLHGISRE(MSE)QDQFAARSHARAWAATQSGAFKTEIIPT
GGHDADGVLKQFNYDEVIRPETTVEALSTLRPAFDPVSGTVTAGTSSALSDGAAA(MSE)LV(MSE)SESRARELGLKPR
ARIRS(MSE)AVVGCDPSI(MSE)GYGPVPASKLALKKAGLSASDIDVFE(MSE)NEAFAAQILPCIKDLGL(MSE)EQI
DEKINLNGGAIALGHPLGCSGARISTTLINL(MSE)ERKDAQFGLAT(MSE)CIGLGQGIATVFERV
;
_entity_poly.pdbx_strand_id   A,B
#
loop_
_chem_comp.id
_chem_comp.type
_chem_comp.name
_chem_comp.formula
CA non-polymer 'CALCIUM ION' 'Ca 2'
CL non-polymer 'CHLORIDE ION' 'Cl -1'
NA non-polymer 'SODIUM ION' 'Na 1'
#
# COMPACT_ATOMS: atom_id res chain seq x y z
N MSE A 1 -7.00 23.82 -3.53
CA MSE A 1 -5.99 22.71 -3.47
C MSE A 1 -4.82 23.01 -4.38
O MSE A 1 -5.02 23.51 -5.49
CB MSE A 1 -6.61 21.39 -3.91
CG MSE A 1 -7.80 20.97 -3.11
SE MSE A 1 -8.29 19.17 -3.54
CE MSE A 1 -9.01 19.40 -5.30
N GLU A 2 -3.62 22.68 -3.94
CA GLU A 2 -2.42 22.89 -4.75
C GLU A 2 -2.43 21.99 -5.98
N GLN A 3 -1.86 22.48 -7.07
CA GLN A 3 -1.53 21.68 -8.24
C GLN A 3 -0.32 20.85 -7.89
N VAL A 4 -0.25 19.63 -8.40
CA VAL A 4 0.89 18.79 -8.10
C VAL A 4 1.82 18.73 -9.32
N VAL A 5 3.07 19.08 -9.09
CA VAL A 5 4.03 19.08 -10.18
C VAL A 5 5.06 18.00 -9.98
N ILE A 6 5.62 17.56 -11.11
CA ILE A 6 6.66 16.54 -11.11
C ILE A 6 7.93 17.29 -11.45
N VAL A 7 8.85 17.34 -10.51
CA VAL A 7 10.08 18.09 -10.69
C VAL A 7 11.18 17.21 -11.28
N ASP A 8 11.07 15.89 -11.14
CA ASP A 8 12.11 15.00 -11.67
C ASP A 8 11.52 13.60 -11.71
N ALA A 9 12.00 12.80 -12.64
CA ALA A 9 11.50 11.45 -12.92
C ALA A 9 12.66 10.67 -13.52
N ILE A 10 13.02 9.56 -12.87
CA ILE A 10 14.23 8.85 -13.21
C ILE A 10 13.98 7.34 -13.02
N ARG A 11 14.87 6.54 -13.57
CA ARG A 11 14.76 5.08 -13.40
C ARG A 11 16.10 4.41 -13.51
N THR A 12 16.19 3.17 -13.03
CA THR A 12 17.40 2.40 -13.32
C THR A 12 17.26 1.87 -14.75
N PRO A 13 18.34 1.35 -15.32
CA PRO A 13 18.23 0.46 -16.48
C PRO A 13 17.37 -0.71 -16.08
N MSE A 14 16.79 -1.37 -17.08
CA MSE A 14 16.07 -2.59 -16.87
C MSE A 14 17.05 -3.73 -17.07
O MSE A 14 17.53 -3.97 -18.18
CB MSE A 14 14.89 -2.70 -17.84
CG MSE A 14 13.85 -1.58 -17.67
SE MSE A 14 12.90 -1.68 -15.96
CE MSE A 14 13.54 -0.04 -15.23
N GLY A 15 17.36 -4.39 -15.96
CA GLY A 15 18.25 -5.54 -15.99
C GLY A 15 17.52 -6.82 -16.36
N ARG A 16 18.21 -7.69 -17.08
CA ARG A 16 17.67 -9.01 -17.40
CA ARG A 16 17.67 -9.01 -17.40
C ARG A 16 17.59 -9.84 -16.12
N SER A 17 16.36 -10.25 -15.73
CA SER A 17 16.18 -11.03 -14.49
C SER A 17 16.93 -12.38 -14.50
N LYS A 18 16.95 -13.04 -15.66
CA LYS A 18 17.59 -14.36 -15.80
C LYS A 18 19.10 -14.19 -15.95
N GLY A 19 19.78 -13.93 -14.84
CA GLY A 19 21.24 -13.93 -14.83
C GLY A 19 21.92 -12.63 -15.27
N GLY A 20 21.17 -11.54 -15.32
CA GLY A 20 21.69 -10.28 -15.83
C GLY A 20 22.20 -9.28 -14.81
N ALA A 21 22.06 -8.00 -15.14
CA ALA A 21 22.83 -6.93 -14.48
C ALA A 21 22.71 -6.90 -12.97
N PHE A 22 21.50 -7.10 -12.47
CA PHE A 22 21.23 -6.84 -11.06
C PHE A 22 21.05 -8.12 -10.26
N ARG A 23 21.50 -9.25 -10.80
CA ARG A 23 21.37 -10.52 -10.10
C ARG A 23 22.03 -10.49 -8.71
N ASN A 24 23.00 -9.61 -8.50
CA ASN A 24 23.63 -9.50 -7.17
C ASN A 24 23.35 -8.17 -6.47
N VAL A 25 22.32 -7.45 -6.91
CA VAL A 25 21.98 -6.17 -6.30
C VAL A 25 20.57 -6.27 -5.72
N ARG A 26 20.42 -5.96 -4.45
CA ARG A 26 19.12 -6.10 -3.79
C ARG A 26 18.12 -5.03 -4.15
N ALA A 27 16.83 -5.39 -4.07
CA ALA A 27 15.75 -4.45 -4.32
C ALA A 27 15.87 -3.16 -3.52
N GLU A 28 16.28 -3.26 -2.26
CA GLU A 28 16.32 -2.06 -1.44
C GLU A 28 17.45 -1.13 -1.93
N ASP A 29 18.49 -1.72 -2.51
CA ASP A 29 19.61 -0.96 -3.03
C ASP A 29 19.27 -0.29 -4.36
N LEU A 30 18.54 -0.97 -5.24
CA LEU A 30 18.10 -0.30 -6.47
C LEU A 30 17.23 0.88 -6.07
N SER A 31 16.38 0.69 -5.06
CA SER A 31 15.46 1.75 -4.67
C SER A 31 16.21 2.93 -4.01
N ALA A 32 17.08 2.61 -3.06
CA ALA A 32 17.86 3.63 -2.35
C ALA A 32 18.74 4.42 -3.32
N HIS A 33 19.30 3.75 -4.32
CA HIS A 33 20.06 4.43 -5.38
C HIS A 33 19.26 5.53 -6.04
N LEU A 34 17.99 5.24 -6.38
CA LEU A 34 17.15 6.28 -7.01
C LEU A 34 16.74 7.38 -6.03
N MSE A 35 16.52 7.01 -4.78
CA MSE A 35 16.19 8.04 -3.77
C MSE A 35 17.36 9.01 -3.59
O MSE A 35 17.17 10.24 -3.61
CB MSE A 35 15.83 7.40 -2.43
CG MSE A 35 14.56 6.57 -2.56
SE MSE A 35 14.17 5.68 -0.88
CE MSE A 35 12.51 4.77 -1.30
N ARG A 36 18.56 8.47 -3.49
CA ARG A 36 19.76 9.29 -3.35
CA ARG A 36 19.76 9.29 -3.35
C ARG A 36 19.92 10.17 -4.56
N SER A 37 19.58 9.61 -5.72
CA SER A 37 19.76 10.31 -6.99
CA SER A 37 19.77 10.32 -7.00
C SER A 37 18.82 11.50 -7.10
N LEU A 38 17.57 11.32 -6.65
CA LEU A 38 16.63 12.41 -6.71
C LEU A 38 17.14 13.55 -5.85
N LEU A 39 17.75 13.21 -4.72
CA LEU A 39 18.26 14.24 -3.83
C LEU A 39 19.48 14.93 -4.43
N ALA A 40 20.39 14.16 -5.01
CA ALA A 40 21.60 14.73 -5.58
C ALA A 40 21.25 15.66 -6.76
N ARG A 41 20.26 15.25 -7.55
CA ARG A 41 19.89 15.97 -8.76
C ARG A 41 19.13 17.25 -8.48
N ASN A 42 18.57 17.34 -7.26
CA ASN A 42 17.76 18.50 -6.90
C ASN A 42 18.27 19.11 -5.60
N PRO A 43 19.48 19.70 -5.66
CA PRO A 43 20.16 20.05 -4.40
C PRO A 43 19.44 21.07 -3.50
N SER A 44 18.51 21.85 -4.02
CA SER A 44 17.85 22.84 -3.18
C SER A 44 16.76 22.18 -2.33
N LEU A 45 16.46 20.92 -2.62
CA LEU A 45 15.50 20.18 -1.77
C LEU A 45 16.27 19.61 -0.58
N THR A 46 15.86 19.97 0.65
CA THR A 46 16.52 19.44 1.82
C THR A 46 15.79 18.16 2.18
N ALA A 47 16.52 17.06 2.40
CA ALA A 47 15.87 15.75 2.55
C ALA A 47 14.89 15.73 3.74
N ALA A 48 15.20 16.47 4.81
CA ALA A 48 14.32 16.45 6.00
C ALA A 48 12.95 17.07 5.73
N THR A 49 12.79 17.78 4.61
CA THR A 49 11.53 18.39 4.28
C THR A 49 10.60 17.48 3.48
N LEU A 50 11.04 16.26 3.16
CA LEU A 50 10.15 15.30 2.52
C LEU A 50 9.03 14.97 3.51
N ASP A 51 7.79 14.95 3.05
CA ASP A 51 6.67 14.68 3.95
C ASP A 51 6.27 13.21 3.98
N ASP A 52 6.66 12.48 2.94
CA ASP A 52 6.37 11.03 2.85
C ASP A 52 7.05 10.43 1.63
N ILE A 53 7.12 9.10 1.63
CA ILE A 53 7.68 8.36 0.53
C ILE A 53 6.68 7.25 0.24
N TYR A 54 6.10 7.26 -0.96
CA TYR A 54 5.22 6.18 -1.39
C TYR A 54 5.92 5.31 -2.44
N TRP A 55 6.04 4.00 -2.17
CA TRP A 55 6.83 3.14 -3.04
C TRP A 55 5.99 1.92 -3.43
N GLY A 56 5.89 1.64 -4.72
CA GLY A 56 5.16 0.45 -5.15
C GLY A 56 6.03 -0.81 -5.15
N CYS A 57 5.44 -1.92 -4.72
CA CYS A 57 6.14 -3.21 -4.79
C CYS A 57 5.10 -4.30 -4.57
N VAL A 58 5.16 -5.36 -5.37
CA VAL A 58 4.13 -6.39 -5.27
C VAL A 58 4.54 -7.59 -4.41
N GLN A 59 5.70 -8.17 -4.71
CA GLN A 59 6.12 -9.40 -4.01
C GLN A 59 6.84 -9.03 -2.71
N GLN A 60 6.05 -8.64 -1.71
CA GLN A 60 6.61 -8.04 -0.51
C GLN A 60 6.95 -9.11 0.51
N THR A 61 8.00 -9.85 0.19
CA THR A 61 8.57 -10.82 1.13
C THR A 61 10.06 -10.84 0.83
N LEU A 62 10.82 -11.54 1.66
CA LEU A 62 12.28 -11.52 1.55
C LEU A 62 12.81 -10.08 1.50
N GLU A 63 13.74 -9.78 0.58
CA GLU A 63 14.30 -8.45 0.55
C GLU A 63 13.28 -7.36 0.20
N GLN A 64 12.08 -7.75 -0.26
CA GLN A 64 11.05 -6.75 -0.54
C GLN A 64 10.00 -6.69 0.54
N GLY A 65 10.23 -7.40 1.63
CA GLY A 65 9.25 -7.41 2.70
C GLY A 65 9.46 -6.34 3.78
N PHE A 66 8.46 -6.25 4.67
CA PHE A 66 8.57 -5.44 5.88
C PHE A 66 8.70 -3.94 5.55
N ASN A 67 7.94 -3.51 4.56
CA ASN A 67 7.84 -2.10 4.15
C ASN A 67 9.13 -1.62 3.50
N ILE A 68 9.40 -2.13 2.30
CA ILE A 68 10.59 -1.77 1.58
C ILE A 68 10.76 -0.25 1.40
N ALA A 69 9.66 0.49 1.27
CA ALA A 69 9.75 1.96 1.16
C ALA A 69 10.65 2.52 2.28
N ARG A 70 10.38 2.11 3.50
CA ARG A 70 11.14 2.57 4.68
C ARG A 70 12.56 2.02 4.70
N ASN A 71 12.70 0.75 4.36
CA ASN A 71 14.01 0.14 4.41
C ASN A 71 14.93 0.78 3.39
N ALA A 72 14.40 1.02 2.18
CA ALA A 72 15.22 1.71 1.18
C ALA A 72 15.57 3.14 1.61
N ALA A 73 14.61 3.85 2.22
CA ALA A 73 14.85 5.21 2.63
C ALA A 73 15.92 5.30 3.72
N LEU A 74 15.90 4.36 4.65
CA LEU A 74 16.95 4.32 5.68
C LEU A 74 18.31 4.00 5.04
N LEU A 75 18.33 3.06 4.10
CA LEU A 75 19.59 2.76 3.39
C LEU A 75 20.14 3.96 2.61
N ALA A 76 19.22 4.75 2.03
CA ALA A 76 19.58 5.96 1.30
C ALA A 76 20.02 7.10 2.24
N GLU A 77 19.93 6.85 3.55
CA GLU A 77 20.25 7.88 4.56
C GLU A 77 19.35 9.11 4.48
N ILE A 78 18.13 8.91 4.01
CA ILE A 78 17.10 9.92 4.21
C ILE A 78 16.85 10.02 5.72
N PRO A 79 16.68 11.25 6.26
CA PRO A 79 16.50 11.39 7.71
C PRO A 79 15.38 10.51 8.24
N HIS A 80 15.59 9.96 9.45
CA HIS A 80 14.63 9.08 10.11
CA HIS A 80 14.59 9.03 9.96
C HIS A 80 13.25 9.69 10.23
N SER A 81 13.22 11.02 10.29
CA SER A 81 11.98 11.77 10.50
C SER A 81 11.01 11.68 9.33
N VAL A 82 11.50 11.28 8.16
CA VAL A 82 10.65 11.16 6.98
C VAL A 82 9.97 9.78 6.97
N PRO A 83 8.63 9.74 6.89
CA PRO A 83 7.93 8.45 6.89
C PRO A 83 7.92 7.80 5.49
N ALA A 84 7.56 6.53 5.42
CA ALA A 84 7.52 5.80 4.15
C ALA A 84 6.53 4.64 4.17
N VAL A 85 5.85 4.42 3.04
CA VAL A 85 4.80 3.39 2.94
C VAL A 85 4.91 2.67 1.59
N THR A 86 4.61 1.36 1.60
CA THR A 86 4.69 0.54 0.40
C THR A 86 3.29 0.22 -0.07
N VAL A 87 3.06 0.35 -1.36
CA VAL A 87 1.70 0.21 -1.86
CA VAL A 87 1.73 0.30 -1.97
C VAL A 87 1.63 -0.92 -2.90
N ASN A 88 0.50 -1.63 -2.92
CA ASN A 88 0.37 -2.80 -3.80
C ASN A 88 -0.97 -2.81 -4.51
N ARG A 89 -0.96 -2.37 -5.76
CA ARG A 89 -2.12 -2.59 -6.64
C ARG A 89 -1.57 -3.34 -7.83
N LEU A 90 -0.91 -4.46 -7.55
CA LEU A 90 -0.23 -5.26 -8.57
C LEU A 90 0.53 -4.39 -9.58
N CYS A 91 0.28 -4.63 -10.88
CA CYS A 91 0.97 -3.90 -11.98
C CYS A 91 0.92 -2.35 -11.84
N GLY A 92 -0.13 -1.86 -11.19
CA GLY A 92 -0.35 -0.40 -11.13
C GLY A 92 0.23 0.22 -9.85
N SER A 93 0.95 -0.57 -9.05
CA SER A 93 1.41 -0.12 -7.71
C SER A 93 2.13 1.24 -7.65
N SER A 94 3.13 1.48 -8.50
CA SER A 94 3.82 2.78 -8.39
C SER A 94 3.04 3.93 -9.04
N MSE A 95 2.07 3.63 -9.90
CA MSE A 95 1.17 4.70 -10.36
C MSE A 95 0.21 5.04 -9.23
O MSE A 95 -0.09 6.21 -9.00
CB MSE A 95 0.40 4.31 -11.64
CG MSE A 95 -0.46 5.46 -12.14
SE MSE A 95 -1.02 5.22 -13.96
CE MSE A 95 0.68 5.36 -14.87
N GLN A 96 -0.22 4.03 -8.48
CA GLN A 96 -0.99 4.26 -7.27
C GLN A 96 -0.20 5.08 -6.27
N ALA A 97 1.10 4.77 -6.10
CA ALA A 97 1.96 5.57 -5.21
C ALA A 97 1.88 7.05 -5.63
N LEU A 98 1.98 7.30 -6.94
CA LEU A 98 1.86 8.67 -7.45
C LEU A 98 0.54 9.32 -7.05
N HIS A 99 -0.55 8.61 -7.26
CA HIS A 99 -1.87 9.16 -6.96
C HIS A 99 -2.03 9.49 -5.49
N ASP A 100 -1.63 8.57 -4.62
CA ASP A 100 -1.84 8.82 -3.18
C ASP A 100 -0.93 9.97 -2.69
N ALA A 101 0.30 10.02 -3.20
CA ALA A 101 1.20 11.11 -2.82
C ALA A 101 0.64 12.42 -3.34
N ALA A 102 0.17 12.41 -4.58
CA ALA A 102 -0.41 13.64 -5.18
C ALA A 102 -1.54 14.18 -4.30
N ARG A 103 -2.42 13.27 -3.83
CA ARG A 103 -3.56 13.70 -3.08
C ARG A 103 -3.15 14.15 -1.68
N MSE A 104 -2.08 13.56 -1.13
CA MSE A 104 -1.58 14.05 0.15
C MSE A 104 -1.17 15.52 -0.01
O MSE A 104 -1.41 16.34 0.88
CB MSE A 104 -0.38 13.21 0.60
CG MSE A 104 0.07 13.51 2.02
SE MSE A 104 1.60 12.44 2.47
CE MSE A 104 1.69 12.89 4.35
N ILE A 105 -0.50 15.84 -1.14
CA ILE A 105 -0.10 17.23 -1.44
C ILE A 105 -1.31 18.12 -1.69
N MSE A 106 -2.27 17.61 -2.45
CA MSE A 106 -3.45 18.41 -2.79
C MSE A 106 -4.23 18.88 -1.57
O MSE A 106 -4.71 20.03 -1.53
CB MSE A 106 -4.38 17.60 -3.71
CG MSE A 106 -3.77 17.47 -5.10
SE MSE A 106 -4.81 16.28 -6.16
CE MSE A 106 -6.36 17.33 -6.40
N THR A 107 -4.32 18.01 -0.58
CA THR A 107 -5.11 18.35 0.61
C THR A 107 -4.32 19.14 1.63
N GLY A 108 -3.01 19.31 1.38
CA GLY A 108 -2.15 20.09 2.28
C GLY A 108 -1.55 19.28 3.41
N ASP A 109 -1.71 17.96 3.39
CA ASP A 109 -1.04 17.12 4.38
C ASP A 109 0.43 16.97 4.05
N ALA A 110 0.81 17.28 2.81
CA ALA A 110 2.22 17.27 2.39
C ALA A 110 2.45 18.42 1.45
N GLN A 111 3.74 18.80 1.30
CA GLN A 111 4.21 19.71 0.26
C GLN A 111 5.19 19.05 -0.73
N VAL A 112 5.89 18.01 -0.29
CA VAL A 112 6.81 17.31 -1.17
C VAL A 112 6.90 15.84 -0.77
N CYS A 113 6.89 14.97 -1.76
CA CYS A 113 7.01 13.52 -1.50
C CYS A 113 7.95 12.89 -2.52
N LEU A 114 8.58 11.77 -2.14
CA LEU A 114 9.17 10.86 -3.14
C LEU A 114 8.12 9.81 -3.52
N VAL A 115 8.11 9.43 -4.79
CA VAL A 115 7.20 8.42 -5.31
C VAL A 115 8.06 7.49 -6.16
N GLY A 116 7.76 6.19 -6.12
CA GLY A 116 8.48 5.31 -7.02
C GLY A 116 8.07 3.88 -6.79
N GLY A 117 8.92 2.98 -7.23
CA GLY A 117 8.63 1.56 -7.02
C GLY A 117 9.76 0.72 -7.50
N VAL A 118 9.70 -0.57 -7.20
CA VAL A 118 10.76 -1.49 -7.53
C VAL A 118 10.14 -2.88 -7.66
N GLU A 119 10.73 -3.71 -8.52
CA GLU A 119 10.40 -5.12 -8.47
C GLU A 119 11.66 -5.84 -8.89
N HIS A 120 12.18 -6.66 -8.00
CA HIS A 120 13.32 -7.46 -8.34
C HIS A 120 12.84 -8.88 -8.60
N MSE A 121 12.45 -9.13 -9.85
CA MSE A 121 11.79 -10.39 -10.19
C MSE A 121 12.77 -11.53 -10.19
O MSE A 121 12.36 -12.67 -9.93
CB MSE A 121 11.01 -10.21 -11.49
CG MSE A 121 10.05 -9.04 -11.28
SE MSE A 121 8.51 -9.23 -12.37
CE MSE A 121 9.54 -9.02 -13.92
N GLY A 122 14.05 -11.23 -10.39
CA GLY A 122 15.10 -12.24 -10.22
C GLY A 122 15.14 -12.77 -8.79
N HIS A 123 15.09 -11.87 -7.81
CA HIS A 123 15.18 -12.26 -6.41
C HIS A 123 13.87 -12.71 -5.76
N VAL A 124 12.75 -12.18 -6.19
CA VAL A 124 11.45 -12.60 -5.62
C VAL A 124 10.49 -12.82 -6.80
N PRO A 125 10.60 -13.99 -7.45
CA PRO A 125 9.80 -14.22 -8.65
C PRO A 125 8.30 -14.28 -8.36
N MSE A 126 7.51 -14.01 -9.40
CA MSE A 126 6.06 -14.05 -9.31
C MSE A 126 5.52 -15.37 -8.82
O MSE A 126 4.43 -15.42 -8.23
CB MSE A 126 5.42 -13.72 -10.67
CG MSE A 126 5.46 -12.24 -11.03
SE MSE A 126 5.30 -10.91 -9.59
CE MSE A 126 3.48 -11.28 -8.96
N SER A 127 6.27 -16.44 -9.04
CA SER A 127 5.81 -17.76 -8.69
C SER A 127 6.13 -18.10 -7.24
N HIS A 128 6.92 -17.26 -6.57
CA HIS A 128 7.34 -17.52 -5.20
C HIS A 128 6.25 -17.23 -4.17
N GLY A 129 6.03 -18.16 -3.25
CA GLY A 129 5.10 -17.92 -2.15
C GLY A 129 3.66 -17.74 -2.59
N VAL A 130 3.28 -18.40 -3.68
CA VAL A 130 1.92 -18.29 -4.18
C VAL A 130 0.97 -19.24 -3.46
N ASP A 131 -0.19 -18.72 -3.06
CA ASP A 131 -1.26 -19.52 -2.42
C ASP A 131 -2.55 -18.78 -2.73
N PHE A 132 -3.11 -19.08 -3.91
CA PHE A 132 -4.25 -18.36 -4.43
C PHE A 132 -5.50 -19.05 -3.90
N HIS A 133 -6.45 -18.25 -3.42
CA HIS A 133 -7.64 -18.79 -2.82
C HIS A 133 -8.36 -19.70 -3.83
N PRO A 134 -8.71 -20.91 -3.39
CA PRO A 134 -9.37 -21.84 -4.31
C PRO A 134 -10.67 -21.28 -4.89
N GLY A 135 -11.30 -20.36 -4.17
CA GLY A 135 -12.54 -19.76 -4.64
C GLY A 135 -12.37 -18.71 -5.72
N LEU A 136 -11.14 -18.49 -6.17
CA LEU A 136 -10.85 -17.41 -7.14
C LEU A 136 -10.24 -17.88 -8.46
N SER A 137 -10.16 -16.95 -9.41
CA SER A 137 -9.67 -17.17 -10.79
C SER A 137 -8.29 -17.82 -10.85
N GLY A 145 -0.05 -13.42 -15.74
CA GLY A 145 -1.28 -13.62 -16.53
C GLY A 145 -1.30 -14.96 -17.24
N MSE A 146 -1.87 -15.97 -16.59
CA MSE A 146 -1.97 -17.31 -17.17
C MSE A 146 -3.42 -17.61 -17.55
O MSE A 146 -4.24 -16.70 -17.60
CB MSE A 146 -1.42 -18.37 -16.22
CG MSE A 146 -1.60 -19.80 -16.72
SE MSE A 146 -2.29 -20.98 -15.33
CE MSE A 146 -3.55 -19.76 -14.43
N MSE A 147 -3.71 -18.90 -17.78
CA MSE A 147 -4.97 -19.39 -18.38
C MSE A 147 -5.29 -18.72 -19.72
O MSE A 147 -5.61 -17.51 -19.78
CB MSE A 147 -6.16 -19.26 -17.40
CG MSE A 147 -7.55 -19.47 -18.04
SE MSE A 147 -7.98 -21.33 -18.56
CE MSE A 147 -7.83 -22.18 -16.79
N GLY A 148 -5.24 -19.50 -20.78
CA GLY A 148 -5.40 -19.00 -22.12
C GLY A 148 -6.74 -18.39 -22.41
N LEU A 149 -7.78 -18.95 -21.84
CA LEU A 149 -9.10 -18.43 -22.10
C LEU A 149 -9.16 -16.99 -21.71
N THR A 150 -8.76 -16.67 -20.49
CA THR A 150 -8.86 -15.28 -20.07
C THR A 150 -7.80 -14.35 -20.68
N ALA A 151 -6.62 -14.87 -20.92
CA ALA A 151 -5.54 -14.05 -21.48
C ALA A 151 -5.81 -13.66 -22.93
N GLU A 152 -6.54 -14.53 -23.63
CA GLU A 152 -6.72 -14.35 -25.05
C GLU A 152 -8.11 -13.84 -25.43
N MSE A 153 -8.96 -13.62 -24.43
CA MSE A 153 -10.32 -13.20 -24.74
C MSE A 153 -10.40 -11.97 -25.63
O MSE A 153 -11.09 -11.98 -26.65
CB MSE A 153 -11.16 -13.02 -23.46
CG MSE A 153 -12.55 -12.40 -23.72
SE MSE A 153 -13.72 -13.38 -24.97
CE MSE A 153 -14.95 -14.13 -23.67
N LEU A 154 -9.67 -10.90 -25.27
CA LEU A 154 -9.72 -9.68 -26.09
C LEU A 154 -9.24 -9.95 -27.52
N SER A 155 -8.17 -10.72 -27.67
CA SER A 155 -7.63 -10.97 -29.00
C SER A 155 -8.62 -11.77 -29.84
N ARG A 156 -9.41 -12.63 -29.19
CA ARG A 156 -10.49 -13.38 -29.93
C ARG A 156 -11.65 -12.47 -30.29
N LEU A 157 -12.05 -11.58 -29.38
CA LEU A 157 -13.14 -10.65 -29.66
C LEU A 157 -12.80 -9.68 -30.76
N HIS A 158 -11.52 -9.31 -30.85
CA HIS A 158 -11.09 -8.26 -31.79
C HIS A 158 -10.35 -8.77 -33.00
N GLY A 159 -10.23 -10.09 -33.12
CA GLY A 159 -9.53 -10.70 -34.27
C GLY A 159 -8.08 -10.25 -34.37
N ILE A 160 -7.37 -10.27 -33.25
CA ILE A 160 -5.93 -9.93 -33.27
C ILE A 160 -5.11 -11.21 -33.48
N SER A 161 -4.52 -11.34 -34.66
CA SER A 161 -3.85 -12.55 -35.05
C SER A 161 -2.48 -12.68 -34.42
N ARG A 162 -1.95 -13.90 -34.48
CA ARG A 162 -0.56 -14.17 -34.12
C ARG A 162 0.42 -13.23 -34.85
N GLU A 163 0.20 -13.03 -36.15
CA GLU A 163 1.08 -12.20 -36.94
C GLU A 163 1.03 -10.74 -36.47
N MSE A 164 -0.16 -10.24 -36.15
CA MSE A 164 -0.29 -8.87 -35.63
C MSE A 164 0.41 -8.75 -34.29
O MSE A 164 1.03 -7.72 -34.02
CB MSE A 164 -1.76 -8.48 -35.46
CG MSE A 164 -2.46 -8.26 -36.81
SE MSE A 164 -4.36 -8.34 -36.58
CE MSE A 164 -4.69 -6.52 -36.03
N GLN A 165 0.33 -9.79 -33.46
CA GLN A 165 0.97 -9.73 -32.15
C GLN A 165 2.48 -9.74 -32.30
N ASP A 166 3.00 -10.64 -33.17
CA ASP A 166 4.43 -10.69 -33.42
C ASP A 166 4.96 -9.37 -34.00
N GLN A 167 4.18 -8.75 -34.88
CA GLN A 167 4.59 -7.47 -35.43
C GLN A 167 4.75 -6.41 -34.35
N PHE A 168 3.78 -6.34 -33.45
CA PHE A 168 3.82 -5.34 -32.38
C PHE A 168 4.99 -5.60 -31.43
N ALA A 169 5.24 -6.88 -31.15
CA ALA A 169 6.38 -7.23 -30.31
C ALA A 169 7.71 -6.86 -30.93
N ALA A 170 7.87 -7.12 -32.22
CA ALA A 170 9.14 -6.75 -32.87
C ALA A 170 9.32 -5.22 -32.83
N ARG A 171 8.21 -4.51 -33.00
CA ARG A 171 8.21 -3.04 -32.96
C ARG A 171 8.70 -2.53 -31.60
N SER A 172 8.30 -3.23 -30.54
CA SER A 172 8.68 -2.81 -29.20
C SER A 172 10.21 -2.78 -29.03
N HIS A 173 10.88 -3.85 -29.46
CA HIS A 173 12.32 -3.94 -29.36
C HIS A 173 12.95 -2.92 -30.30
N ALA A 174 12.40 -2.80 -31.50
CA ALA A 174 12.96 -1.82 -32.46
C ALA A 174 12.91 -0.40 -31.89
N ARG A 175 11.75 0.00 -31.36
CA ARG A 175 11.60 1.36 -30.79
C ARG A 175 12.49 1.56 -29.56
N ALA A 176 12.57 0.54 -28.71
CA ALA A 176 13.43 0.61 -27.52
C ALA A 176 14.90 0.70 -27.89
N TRP A 177 15.33 -0.09 -28.89
CA TRP A 177 16.69 0.00 -29.38
C TRP A 177 16.95 1.36 -30.04
N ALA A 178 16.00 1.84 -30.84
CA ALA A 178 16.22 3.16 -31.46
C ALA A 178 16.40 4.24 -30.40
N ALA A 179 15.61 4.15 -29.34
CA ALA A 179 15.70 5.12 -28.24
C ALA A 179 17.06 5.04 -27.56
N THR A 180 17.52 3.81 -27.36
CA THR A 180 18.83 3.57 -26.81
C THR A 180 19.90 4.22 -27.69
N GLN A 181 19.79 4.08 -29.01
CA GLN A 181 20.85 4.60 -29.89
C GLN A 181 20.79 6.12 -30.08
N SER A 182 19.60 6.69 -30.00
CA SER A 182 19.42 8.10 -30.32
C SER A 182 19.72 8.98 -29.12
N GLY A 183 19.84 8.37 -27.94
CA GLY A 183 20.03 9.14 -26.70
C GLY A 183 18.72 9.53 -26.02
N ALA A 184 17.61 8.98 -26.51
CA ALA A 184 16.29 9.34 -25.97
C ALA A 184 16.12 8.89 -24.55
N PHE A 185 16.89 7.89 -24.12
CA PHE A 185 16.77 7.45 -22.72
C PHE A 185 17.82 8.09 -21.79
N LYS A 186 18.73 8.90 -22.34
CA LYS A 186 19.83 9.47 -21.55
C LYS A 186 19.42 10.31 -20.37
N THR A 187 18.29 11.01 -20.53
CA THR A 187 17.80 11.91 -19.51
C THR A 187 17.16 11.18 -18.32
N GLU A 188 16.59 10.00 -18.57
CA GLU A 188 15.84 9.30 -17.52
C GLU A 188 16.64 8.19 -16.82
N ILE A 189 17.59 7.59 -17.53
CA ILE A 189 18.32 6.48 -16.92
C ILE A 189 19.44 6.97 -16.00
N ILE A 190 19.45 6.53 -14.73
CA ILE A 190 20.56 6.78 -13.84
C ILE A 190 21.52 5.59 -13.93
N PRO A 191 22.80 5.83 -14.28
CA PRO A 191 23.70 4.69 -14.32
C PRO A 191 23.64 4.00 -12.97
N THR A 192 23.62 2.66 -13.00
CA THR A 192 23.39 1.86 -11.80
C THR A 192 24.36 0.68 -11.78
N GLY A 193 25.02 0.46 -10.65
CA GLY A 193 25.98 -0.64 -10.53
C GLY A 193 25.34 -2.02 -10.60
N GLY A 194 25.94 -2.87 -11.42
CA GLY A 194 25.53 -4.26 -11.54
C GLY A 194 26.80 -5.04 -11.79
N HIS A 195 26.65 -6.20 -12.41
CA HIS A 195 27.77 -7.06 -12.77
C HIS A 195 27.61 -7.55 -14.20
N ASP A 196 28.71 -7.50 -14.94
CA ASP A 196 28.69 -7.96 -16.30
C ASP A 196 28.70 -9.49 -16.32
N ALA A 197 28.74 -10.06 -17.51
CA ALA A 197 28.63 -11.52 -17.67
C ALA A 197 29.72 -12.30 -16.95
N ASP A 198 30.89 -11.69 -16.79
CA ASP A 198 32.03 -12.32 -16.14
C ASP A 198 32.06 -12.04 -14.64
N GLY A 199 31.05 -11.33 -14.14
CA GLY A 199 30.97 -11.07 -12.72
C GLY A 199 31.71 -9.80 -12.31
N VAL A 200 32.18 -9.05 -13.30
CA VAL A 200 32.96 -7.82 -13.04
C VAL A 200 32.00 -6.65 -12.76
N LEU A 201 32.28 -5.86 -11.74
CA LEU A 201 31.47 -4.70 -11.42
C LEU A 201 31.35 -3.86 -12.67
N LYS A 202 30.15 -3.36 -12.92
CA LYS A 202 29.91 -2.56 -14.11
C LYS A 202 28.80 -1.57 -13.84
N GLN A 203 29.02 -0.32 -14.27
CA GLN A 203 27.94 0.66 -14.22
C GLN A 203 27.09 0.52 -15.49
N PHE A 204 25.81 0.17 -15.35
CA PHE A 204 24.97 0.02 -16.49
C PHE A 204 24.22 1.31 -16.78
N ASN A 205 24.21 1.71 -18.05
CA ASN A 205 23.45 2.89 -18.43
C ASN A 205 22.51 2.61 -19.58
N TYR A 206 22.20 1.34 -19.81
CA TYR A 206 21.30 0.98 -20.89
C TYR A 206 20.51 -0.24 -20.47
N ASP A 207 19.37 -0.43 -21.11
CA ASP A 207 18.45 -1.52 -20.80
C ASP A 207 18.91 -2.82 -21.40
N GLU A 208 19.63 -3.58 -20.59
CA GLU A 208 20.22 -4.85 -21.01
C GLU A 208 19.19 -5.83 -21.57
N VAL A 209 17.96 -5.72 -21.12
CA VAL A 209 16.94 -6.70 -21.47
C VAL A 209 16.42 -6.57 -22.91
N ILE A 210 16.61 -5.42 -23.56
CA ILE A 210 16.10 -5.23 -24.94
C ILE A 210 16.87 -6.19 -25.85
N ARG A 211 16.18 -6.77 -26.84
CA ARG A 211 16.83 -7.65 -27.80
C ARG A 211 16.75 -7.07 -29.19
N PRO A 212 17.79 -6.34 -29.62
CA PRO A 212 17.71 -5.63 -30.90
C PRO A 212 17.60 -6.57 -32.10
N GLU A 213 18.08 -7.79 -31.92
CA GLU A 213 18.04 -8.83 -32.94
C GLU A 213 16.64 -9.42 -33.15
N THR A 214 15.66 -9.01 -32.33
CA THR A 214 14.29 -9.55 -32.48
C THR A 214 13.78 -9.29 -33.90
N THR A 215 13.20 -10.31 -34.53
CA THR A 215 12.54 -10.15 -35.81
C THR A 215 11.20 -10.83 -35.76
N VAL A 216 10.27 -10.36 -36.60
CA VAL A 216 9.02 -11.10 -36.73
C VAL A 216 9.30 -12.53 -37.19
N GLU A 217 10.31 -12.73 -38.03
CA GLU A 217 10.59 -14.11 -38.45
C GLU A 217 10.95 -15.01 -37.26
N ALA A 218 11.81 -14.52 -36.38
CA ALA A 218 12.20 -15.29 -35.19
C ALA A 218 11.00 -15.49 -34.27
N LEU A 219 10.21 -14.44 -34.08
CA LEU A 219 9.02 -14.56 -33.19
C LEU A 219 8.01 -15.57 -33.74
N SER A 220 7.91 -15.69 -35.06
CA SER A 220 6.94 -16.59 -35.68
C SER A 220 7.27 -18.05 -35.38
N THR A 221 8.50 -18.31 -34.93
CA THR A 221 8.91 -19.73 -34.64
C THR A 221 8.42 -20.24 -33.30
N LEU A 222 8.03 -19.32 -32.41
CA LEU A 222 7.79 -19.70 -31.03
C LEU A 222 6.49 -20.46 -30.88
N ARG A 223 6.42 -21.28 -29.83
CA ARG A 223 5.19 -22.02 -29.52
C ARG A 223 4.23 -21.13 -28.74
N PRO A 224 2.92 -21.40 -28.88
CA PRO A 224 1.94 -20.68 -28.05
C PRO A 224 2.24 -20.88 -26.57
N ALA A 225 1.99 -19.84 -25.79
CA ALA A 225 2.14 -19.94 -24.34
C ALA A 225 1.02 -20.80 -23.74
N PHE A 226 -0.14 -20.81 -24.38
CA PHE A 226 -1.32 -21.47 -23.82
C PHE A 226 -1.73 -22.69 -24.66
N ASP A 227 -2.92 -22.67 -25.30
CA ASP A 227 -3.35 -23.86 -26.05
C ASP A 227 -2.41 -24.10 -27.24
N PRO A 228 -1.93 -25.34 -27.39
CA PRO A 228 -0.97 -25.65 -28.45
C PRO A 228 -1.58 -25.48 -29.82
N VAL A 229 -2.89 -25.69 -29.94
CA VAL A 229 -3.55 -25.74 -31.23
C VAL A 229 -4.05 -24.35 -31.66
N SER A 230 -4.69 -23.64 -30.75
CA SER A 230 -5.32 -22.38 -31.10
C SER A 230 -4.71 -21.16 -30.44
N GLY A 231 -3.78 -21.37 -29.51
CA GLY A 231 -3.16 -20.23 -28.78
C GLY A 231 -2.37 -19.32 -29.71
N THR A 232 -2.39 -18.00 -29.41
CA THR A 232 -1.69 -17.02 -30.21
C THR A 232 -0.61 -16.31 -29.39
N VAL A 233 -0.87 -16.01 -28.12
CA VAL A 233 0.17 -15.38 -27.27
C VAL A 233 1.42 -16.30 -27.17
N THR A 234 2.62 -15.71 -27.19
CA THR A 234 3.85 -16.45 -26.90
C THR A 234 4.68 -15.69 -25.86
N ALA A 235 5.74 -16.29 -25.36
CA ALA A 235 6.60 -15.57 -24.43
C ALA A 235 7.17 -14.33 -25.14
N GLY A 236 7.30 -14.43 -26.46
CA GLY A 236 7.96 -13.37 -27.22
C GLY A 236 7.07 -12.15 -27.39
N THR A 237 5.76 -12.35 -27.20
CA THR A 237 4.81 -11.24 -27.29
C THR A 237 4.16 -10.92 -25.94
N SER A 238 4.79 -11.39 -24.88
CA SER A 238 4.40 -11.08 -23.50
C SER A 238 5.51 -10.20 -22.93
N SER A 239 5.21 -9.43 -21.89
CA SER A 239 6.25 -8.58 -21.26
C SER A 239 7.46 -9.44 -20.87
N ALA A 240 8.65 -8.83 -20.97
CA ALA A 240 9.92 -9.44 -20.58
C ALA A 240 10.07 -9.50 -19.05
N LEU A 241 11.02 -10.29 -18.56
CA LEU A 241 11.28 -10.37 -17.12
C LEU A 241 12.52 -9.53 -16.84
N SER A 242 12.32 -8.38 -16.21
CA SER A 242 13.43 -7.51 -15.90
C SER A 242 13.36 -7.14 -14.44
N ASP A 243 14.50 -6.69 -13.92
CA ASP A 243 14.62 -6.14 -12.57
C ASP A 243 14.82 -4.63 -12.69
N GLY A 244 14.10 -3.85 -11.92
CA GLY A 244 14.31 -2.41 -12.02
C GLY A 244 13.59 -1.58 -11.00
N ALA A 245 13.93 -0.29 -10.96
CA ALA A 245 13.22 0.70 -10.13
C ALA A 245 13.01 1.98 -10.89
N ALA A 246 12.04 2.77 -10.45
CA ALA A 246 11.79 4.08 -11.02
C ALA A 246 11.33 4.99 -9.90
N ALA A 247 11.47 6.31 -10.11
CA ALA A 247 11.20 7.24 -9.01
C ALA A 247 10.92 8.63 -9.54
N MSE A 248 10.14 9.41 -8.85
CA MSE A 248 9.76 10.78 -9.20
C MSE A 248 9.75 11.61 -7.93
O MSE A 248 9.42 11.12 -6.84
CB MSE A 248 8.38 10.81 -9.84
CG MSE A 248 8.34 10.12 -11.22
SE MSE A 248 6.53 10.31 -11.96
CE MSE A 248 5.99 9.14 -10.94
N LEU A 249 10.17 12.87 -8.09
CA LEU A 249 10.12 13.87 -7.03
C LEU A 249 8.90 14.74 -7.32
N VAL A 250 7.92 14.74 -6.40
CA VAL A 250 6.65 15.40 -6.68
C VAL A 250 6.38 16.38 -5.57
N MSE A 251 5.86 17.56 -5.91
CA MSE A 251 5.63 18.59 -4.89
C MSE A 251 4.56 19.55 -5.30
O MSE A 251 4.13 19.56 -6.44
CB MSE A 251 6.94 19.34 -4.56
CG MSE A 251 7.49 20.13 -5.74
SE MSE A 251 9.22 20.91 -5.27
CE MSE A 251 10.25 19.32 -5.07
N SER A 252 4.09 20.37 -4.37
CA SER A 252 3.12 21.40 -4.74
C SER A 252 3.79 22.41 -5.69
N GLU A 253 2.99 23.00 -6.57
CA GLU A 253 3.51 24.01 -7.46
C GLU A 253 4.15 25.14 -6.61
N SER A 254 3.54 25.46 -5.48
CA SER A 254 4.12 26.49 -4.60
C SER A 254 5.51 26.17 -4.10
N ARG A 255 5.70 24.93 -3.61
CA ARG A 255 7.00 24.55 -3.08
C ARG A 255 8.03 24.53 -4.18
N ALA A 256 7.67 24.05 -5.35
CA ALA A 256 8.61 24.10 -6.48
C ALA A 256 9.10 25.53 -6.72
N ARG A 257 8.18 26.48 -6.72
CA ARG A 257 8.55 27.87 -6.91
C ARG A 257 9.52 28.35 -5.80
N GLU A 258 9.20 28.04 -4.55
CA GLU A 258 10.06 28.40 -3.42
C GLU A 258 11.48 27.88 -3.57
N LEU A 259 11.62 26.69 -4.14
CA LEU A 259 12.94 26.04 -4.21
C LEU A 259 13.69 26.35 -5.54
N GLY A 260 13.07 27.18 -6.37
CA GLY A 260 13.53 27.44 -7.74
C GLY A 260 13.72 26.22 -8.63
N LEU A 261 12.86 25.21 -8.43
CA LEU A 261 12.92 23.98 -9.23
C LEU A 261 11.88 24.05 -10.33
N LYS A 262 12.30 23.78 -11.56
CA LYS A 262 11.41 23.86 -12.71
C LYS A 262 10.45 22.64 -12.79
N PRO A 263 9.12 22.88 -12.82
CA PRO A 263 8.26 21.69 -13.04
C PRO A 263 8.45 21.10 -14.42
N ARG A 264 8.50 19.78 -14.51
CA ARG A 264 8.67 19.10 -15.80
C ARG A 264 7.33 18.60 -16.35
N ALA A 265 6.38 18.37 -15.46
CA ALA A 265 5.02 18.05 -15.85
C ALA A 265 4.16 18.28 -14.63
N ARG A 266 2.84 18.24 -14.82
CA ARG A 266 1.95 18.33 -13.68
C ARG A 266 0.82 17.35 -13.85
N ILE A 267 0.22 16.94 -12.75
CA ILE A 267 -0.90 15.99 -12.83
C ILE A 267 -2.21 16.68 -13.20
N ARG A 268 -2.80 16.28 -14.32
CA ARG A 268 -4.09 16.81 -14.76
C ARG A 268 -5.25 15.99 -14.20
N SER A 269 -5.16 14.65 -14.27
CA SER A 269 -6.22 13.81 -13.75
C SER A 269 -5.71 12.41 -13.42
N MSE A 270 -6.49 11.70 -12.58
CA MSE A 270 -6.07 10.39 -12.10
C MSE A 270 -7.29 9.54 -12.14
O MSE A 270 -8.37 10.02 -11.83
CB MSE A 270 -5.60 10.50 -10.65
CG MSE A 270 -4.34 11.33 -10.56
SE MSE A 270 -3.82 11.70 -8.72
CE MSE A 270 -5.06 13.15 -8.41
N ALA A 271 -7.16 8.27 -12.52
CA ALA A 271 -8.34 7.41 -12.51
C ALA A 271 -7.92 6.00 -12.16
N VAL A 272 -8.76 5.30 -11.42
CA VAL A 272 -8.56 3.85 -11.23
C VAL A 272 -9.92 3.19 -11.29
N VAL A 273 -9.97 2.01 -11.89
CA VAL A 273 -11.26 1.34 -12.08
C VAL A 273 -11.04 -0.15 -11.89
N GLY A 274 -12.11 -0.85 -11.53
CA GLY A 274 -12.11 -2.30 -11.60
C GLY A 274 -12.74 -2.72 -12.94
N CYS A 275 -12.42 -3.93 -13.39
CA CYS A 275 -13.10 -4.51 -14.54
C CYS A 275 -13.18 -6.03 -14.41
N ASP A 276 -13.76 -6.69 -15.40
CA ASP A 276 -14.06 -8.12 -15.27
C ASP A 276 -12.75 -8.92 -15.31
N PRO A 277 -12.47 -9.69 -14.25
CA PRO A 277 -11.14 -10.31 -14.17
C PRO A 277 -10.94 -11.40 -15.24
N SER A 278 -12.05 -11.90 -15.80
CA SER A 278 -11.96 -12.96 -16.80
C SER A 278 -11.68 -12.39 -18.19
N ILE A 279 -11.70 -11.06 -18.34
CA ILE A 279 -11.37 -10.41 -19.61
C ILE A 279 -10.07 -9.67 -19.37
N MSE A 280 -8.99 -10.45 -19.36
CA MSE A 280 -7.69 -9.94 -18.93
C MSE A 280 -7.16 -8.82 -19.79
O MSE A 280 -7.20 -8.88 -21.03
CB MSE A 280 -6.68 -11.09 -18.85
CG MSE A 280 -5.36 -10.65 -18.25
SE MSE A 280 -4.07 -12.10 -18.29
CE MSE A 280 -5.17 -13.46 -17.55
N GLY A 281 -6.69 -7.76 -19.14
CA GLY A 281 -5.92 -6.72 -19.85
C GLY A 281 -6.76 -5.57 -20.38
N TYR A 282 -8.05 -5.56 -20.06
CA TYR A 282 -8.95 -4.53 -20.60
C TYR A 282 -8.90 -3.21 -19.85
N GLY A 283 -8.37 -3.24 -18.62
CA GLY A 283 -8.35 -2.06 -17.74
C GLY A 283 -8.04 -0.69 -18.34
N PRO A 284 -7.05 -0.60 -19.26
CA PRO A 284 -6.68 0.71 -19.79
C PRO A 284 -7.84 1.42 -20.47
N VAL A 285 -8.77 0.66 -21.02
CA VAL A 285 -9.91 1.32 -21.70
C VAL A 285 -10.81 2.14 -20.74
N PRO A 286 -11.47 1.48 -19.76
CA PRO A 286 -12.27 2.31 -18.86
C PRO A 286 -11.42 3.27 -18.03
N ALA A 287 -10.18 2.90 -17.64
CA ALA A 287 -9.32 3.85 -16.89
C ALA A 287 -9.03 5.09 -17.69
N SER A 288 -8.65 4.91 -18.96
CA SER A 288 -8.26 6.06 -19.78
C SER A 288 -9.48 6.91 -20.08
N LYS A 289 -10.61 6.27 -20.37
CA LYS A 289 -11.81 7.06 -20.62
C LYS A 289 -12.18 7.91 -19.42
N LEU A 290 -12.10 7.31 -18.23
CA LEU A 290 -12.36 8.07 -17.01
C LEU A 290 -11.34 9.18 -16.77
N ALA A 291 -10.06 8.89 -16.94
CA ALA A 291 -9.09 9.94 -16.79
C ALA A 291 -9.32 11.10 -17.79
N LEU A 292 -9.67 10.76 -19.03
CA LEU A 292 -9.86 11.81 -20.03
C LEU A 292 -11.09 12.66 -19.66
N LYS A 293 -12.14 11.98 -19.22
CA LYS A 293 -13.38 12.65 -18.84
C LYS A 293 -13.10 13.62 -17.71
N LYS A 294 -12.42 13.14 -16.68
CA LYS A 294 -12.06 13.99 -15.55
C LYS A 294 -11.16 15.16 -15.98
N ALA A 295 -10.27 14.93 -16.95
CA ALA A 295 -9.37 15.98 -17.46
C ALA A 295 -10.09 17.01 -18.34
N GLY A 296 -11.30 16.72 -18.78
CA GLY A 296 -11.96 17.63 -19.75
C GLY A 296 -11.30 17.54 -21.12
N LEU A 297 -10.70 16.38 -21.44
CA LEU A 297 -9.99 16.18 -22.71
C LEU A 297 -10.51 14.98 -23.50
N SER A 298 -10.22 14.96 -24.79
CA SER A 298 -10.51 13.79 -25.58
C SER A 298 -9.19 13.09 -25.93
N ALA A 299 -9.30 11.84 -26.40
CA ALA A 299 -8.13 11.08 -26.76
C ALA A 299 -7.30 11.82 -27.79
N SER A 300 -7.96 12.56 -28.69
CA SER A 300 -7.20 13.27 -29.72
C SER A 300 -6.34 14.41 -29.15
N ASP A 301 -6.65 14.90 -27.94
CA ASP A 301 -5.86 15.95 -27.30
C ASP A 301 -4.52 15.46 -26.80
N ILE A 302 -4.43 14.14 -26.60
CA ILE A 302 -3.22 13.56 -26.01
C ILE A 302 -2.16 13.44 -27.11
N ASP A 303 -0.99 13.98 -26.84
CA ASP A 303 0.14 13.90 -27.78
C ASP A 303 0.99 12.63 -27.71
N VAL A 304 1.13 12.07 -26.50
CA VAL A 304 1.98 10.88 -26.26
C VAL A 304 1.23 9.96 -25.32
N PHE A 305 1.17 8.67 -25.64
CA PHE A 305 0.52 7.68 -24.78
C PHE A 305 1.55 6.65 -24.36
N GLU A 306 1.49 6.21 -23.10
CA GLU A 306 2.24 5.06 -22.63
C GLU A 306 1.22 4.07 -22.14
N MSE A 307 1.17 2.93 -22.81
CA MSE A 307 0.21 1.89 -22.46
C MSE A 307 1.01 0.62 -22.17
O MSE A 307 1.72 0.11 -23.05
CB MSE A 307 -0.79 1.70 -23.60
CG MSE A 307 -1.51 2.98 -23.92
SE MSE A 307 -2.67 2.74 -25.47
CE MSE A 307 -3.65 4.44 -25.36
N ASN A 308 0.95 0.15 -20.92
CA ASN A 308 1.88 -0.90 -20.54
C ASN A 308 1.67 -2.16 -21.37
N GLU A 309 2.74 -2.74 -21.89
CA GLU A 309 2.65 -3.93 -22.76
C GLU A 309 2.71 -5.25 -22.01
N ALA A 310 1.66 -5.61 -21.26
CA ALA A 310 1.66 -6.91 -20.60
C ALA A 310 1.67 -8.02 -21.67
N PHE A 311 0.79 -7.84 -22.66
CA PHE A 311 0.70 -8.80 -23.78
C PHE A 311 0.28 -8.03 -25.02
N ALA A 312 0.91 -8.32 -26.16
CA ALA A 312 0.44 -7.69 -27.40
C ALA A 312 -1.03 -8.00 -27.64
N ALA A 313 -1.45 -9.22 -27.28
CA ALA A 313 -2.83 -9.65 -27.50
C ALA A 313 -3.84 -8.79 -26.75
N GLN A 314 -3.38 -8.04 -25.75
CA GLN A 314 -4.33 -7.24 -24.95
C GLN A 314 -4.17 -5.77 -25.21
N ILE A 315 -2.95 -5.32 -25.44
CA ILE A 315 -2.78 -3.89 -25.69
C ILE A 315 -3.36 -3.51 -27.05
N LEU A 316 -3.28 -4.38 -28.06
CA LEU A 316 -3.87 -4.02 -29.36
C LEU A 316 -5.39 -3.79 -29.31
N PRO A 317 -6.14 -4.68 -28.64
CA PRO A 317 -7.57 -4.41 -28.51
C PRO A 317 -7.86 -3.13 -27.71
N CYS A 318 -7.03 -2.84 -26.72
CA CYS A 318 -7.20 -1.61 -25.96
C CYS A 318 -7.03 -0.38 -26.85
N ILE A 319 -5.98 -0.40 -27.67
CA ILE A 319 -5.71 0.67 -28.61
C ILE A 319 -6.89 0.83 -29.56
N LYS A 320 -7.41 -0.29 -30.06
CA LYS A 320 -8.55 -0.27 -30.95
C LYS A 320 -9.78 0.34 -30.28
N ASP A 321 -10.09 -0.09 -29.06
CA ASP A 321 -11.28 0.45 -28.37
C ASP A 321 -11.16 1.92 -27.92
N LEU A 322 -9.94 2.43 -27.81
CA LEU A 322 -9.76 3.85 -27.51
C LEU A 322 -9.74 4.70 -28.79
N GLY A 323 -9.82 4.03 -29.93
CA GLY A 323 -9.87 4.72 -31.23
C GLY A 323 -8.49 5.16 -31.69
N LEU A 324 -7.45 4.44 -31.28
CA LEU A 324 -6.10 4.92 -31.48
C LEU A 324 -5.29 4.09 -32.47
N MSE A 325 -5.92 3.17 -33.20
CA MSE A 325 -5.13 2.32 -34.12
C MSE A 325 -4.30 3.12 -35.12
O MSE A 325 -3.16 2.77 -35.41
CB MSE A 325 -6.03 1.28 -34.85
CG MSE A 325 -6.34 0.01 -34.06
SE MSE A 325 -4.77 -1.02 -33.45
CE MSE A 325 -5.48 -2.84 -33.62
N GLU A 326 -4.84 4.22 -35.65
CA GLU A 326 -4.07 5.04 -36.61
C GLU A 326 -2.99 5.94 -36.00
N GLN A 327 -2.85 5.92 -34.69
CA GLN A 327 -1.91 6.78 -33.98
CA GLN A 327 -1.94 6.79 -34.00
C GLN A 327 -0.79 5.98 -33.35
N ILE A 328 -0.71 4.69 -33.61
CA ILE A 328 0.27 3.89 -32.88
C ILE A 328 1.68 4.40 -33.11
N ASP A 329 2.09 4.56 -34.37
CA ASP A 329 3.47 4.99 -34.57
C ASP A 329 3.72 6.47 -34.28
N GLU A 330 2.65 7.24 -34.32
CA GLU A 330 2.71 8.67 -34.09
CA GLU A 330 2.71 8.66 -34.07
C GLU A 330 2.76 9.00 -32.57
N LYS A 331 2.06 8.21 -31.78
CA LYS A 331 1.86 8.61 -30.37
C LYS A 331 2.10 7.57 -29.28
N ILE A 332 2.13 6.27 -29.61
CA ILE A 332 2.02 5.22 -28.57
C ILE A 332 3.34 4.47 -28.34
N ASN A 333 3.79 4.40 -27.07
CA ASN A 333 5.01 3.64 -26.69
C ASN A 333 6.15 3.91 -27.66
N LEU A 334 6.47 5.21 -27.81
CA LEU A 334 7.36 5.63 -28.91
C LEU A 334 8.79 5.17 -28.70
N ASN A 335 9.15 4.84 -27.45
CA ASN A 335 10.47 4.30 -27.15
C ASN A 335 10.37 2.82 -26.77
N GLY A 336 9.31 2.17 -27.24
CA GLY A 336 9.08 0.76 -26.90
C GLY A 336 8.34 0.62 -25.59
N GLY A 337 8.14 -0.63 -25.17
CA GLY A 337 7.35 -0.90 -23.99
C GLY A 337 7.79 -2.20 -23.34
N ALA A 338 6.94 -2.71 -22.46
CA ALA A 338 7.31 -3.82 -21.60
C ALA A 338 7.70 -5.11 -22.33
N ILE A 339 7.28 -5.28 -23.57
CA ILE A 339 7.70 -6.47 -24.33
C ILE A 339 9.23 -6.46 -24.45
N ALA A 340 9.77 -5.27 -24.68
CA ALA A 340 11.22 -5.08 -24.77
C ALA A 340 11.86 -4.77 -23.43
N LEU A 341 11.18 -4.01 -22.58
CA LEU A 341 11.82 -3.46 -21.37
C LEU A 341 11.50 -4.22 -20.09
N GLY A 342 10.52 -5.12 -20.17
CA GLY A 342 10.14 -5.86 -18.98
C GLY A 342 9.02 -5.17 -18.24
N HIS A 343 8.40 -5.93 -17.36
CA HIS A 343 7.30 -5.44 -16.54
C HIS A 343 7.58 -5.78 -15.06
N PRO A 344 8.57 -5.10 -14.46
CA PRO A 344 8.84 -5.31 -13.05
C PRO A 344 7.73 -4.64 -12.26
N LEU A 345 6.75 -5.45 -11.82
CA LEU A 345 5.46 -4.94 -11.37
C LEU A 345 5.51 -3.63 -10.55
N GLY A 346 6.16 -3.67 -9.39
CA GLY A 346 6.19 -2.51 -8.51
C GLY A 346 6.69 -1.24 -9.17
N CYS A 347 7.65 -1.39 -10.08
CA CYS A 347 8.32 -0.27 -10.73
C CYS A 347 7.57 0.28 -11.97
N SER A 348 6.78 -0.54 -12.63
CA SER A 348 6.27 -0.17 -13.97
C SER A 348 5.45 1.13 -14.04
N GLY A 349 4.62 1.41 -13.03
CA GLY A 349 3.81 2.63 -13.07
C GLY A 349 4.62 3.91 -13.13
N ALA A 350 5.61 4.01 -12.24
CA ALA A 350 6.52 5.14 -12.25
C ALA A 350 7.44 5.07 -13.46
N ARG A 351 7.74 3.86 -13.95
CA ARG A 351 8.68 3.70 -15.06
C ARG A 351 8.03 4.28 -16.30
N ILE A 352 6.79 3.88 -16.59
CA ILE A 352 6.12 4.40 -17.80
C ILE A 352 5.79 5.89 -17.65
N SER A 353 5.52 6.34 -16.43
CA SER A 353 5.34 7.77 -16.20
C SER A 353 6.62 8.55 -16.53
N THR A 354 7.76 8.00 -16.11
CA THR A 354 9.07 8.60 -16.36
C THR A 354 9.37 8.64 -17.84
N THR A 355 9.11 7.54 -18.52
CA THR A 355 9.37 7.47 -19.98
C THR A 355 8.44 8.45 -20.68
N LEU A 356 7.18 8.52 -20.23
CA LEU A 356 6.19 9.44 -20.82
C LEU A 356 6.66 10.89 -20.70
N ILE A 357 7.02 11.29 -19.49
CA ILE A 357 7.40 12.69 -19.25
C ILE A 357 8.61 13.10 -20.09
N ASN A 358 9.59 12.22 -20.20
CA ASN A 358 10.75 12.51 -21.04
C ASN A 358 10.38 12.58 -22.52
N LEU A 359 9.48 11.71 -22.98
CA LEU A 359 9.01 11.82 -24.38
C LEU A 359 8.24 13.12 -24.62
N MSE A 360 7.43 13.52 -23.63
CA MSE A 360 6.65 14.76 -23.75
C MSE A 360 7.59 15.95 -23.95
O MSE A 360 7.28 16.87 -24.70
CB MSE A 360 5.79 14.98 -22.50
CG MSE A 360 4.60 14.02 -22.46
SE MSE A 360 3.57 14.27 -20.85
CE MSE A 360 2.86 16.01 -21.24
N GLU A 361 8.71 15.92 -23.25
CA GLU A 361 9.73 16.97 -23.41
C GLU A 361 10.36 16.92 -24.81
N ARG A 362 10.78 15.74 -25.22
CA ARG A 362 11.43 15.52 -26.53
C ARG A 362 10.48 15.86 -27.67
N LYS A 363 9.18 15.59 -27.48
CA LYS A 363 8.18 15.89 -28.54
C LYS A 363 7.51 17.25 -28.39
N ASP A 364 7.91 18.03 -27.39
CA ASP A 364 7.23 19.26 -27.01
C ASP A 364 5.71 19.10 -26.94
N ALA A 365 5.25 18.07 -26.25
CA ALA A 365 3.83 17.80 -26.04
C ALA A 365 3.28 18.66 -24.94
N GLN A 366 1.98 18.88 -24.99
CA GLN A 366 1.24 19.46 -23.87
C GLN A 366 0.58 18.39 -22.99
N PHE A 367 0.07 17.31 -23.58
CA PHE A 367 -0.67 16.32 -22.79
C PHE A 367 -0.13 14.93 -23.07
N GLY A 368 -0.02 14.14 -22.00
CA GLY A 368 0.42 12.73 -22.12
C GLY A 368 -0.54 11.90 -21.29
N LEU A 369 -0.72 10.64 -21.66
CA LEU A 369 -1.54 9.76 -20.82
C LEU A 369 -0.78 8.47 -20.64
N ALA A 370 -0.67 8.01 -19.40
CA ALA A 370 -0.02 6.73 -19.10
C ALA A 370 -1.07 5.86 -18.45
N THR A 371 -1.14 4.61 -18.91
CA THR A 371 -2.18 3.72 -18.40
C THR A 371 -1.71 2.30 -18.43
N MSE A 372 -2.33 1.47 -17.61
CA MSE A 372 -1.92 0.07 -17.58
C MSE A 372 -3.03 -0.79 -17.06
O MSE A 372 -3.83 -0.36 -16.22
CB MSE A 372 -0.68 -0.12 -16.72
CG MSE A 372 -0.87 0.24 -15.25
SE MSE A 372 0.70 1.14 -14.54
CE MSE A 372 2.11 -0.06 -15.15
N CYS A 373 -3.04 -2.02 -17.57
CA CYS A 373 -3.88 -3.05 -16.99
C CYS A 373 -3.26 -3.55 -15.68
N ILE A 374 -4.10 -4.16 -14.87
CA ILE A 374 -3.69 -4.63 -13.55
C ILE A 374 -4.28 -6.02 -13.37
N GLY A 375 -3.49 -6.95 -12.85
CA GLY A 375 -3.96 -8.32 -12.65
C GLY A 375 -5.28 -8.40 -11.89
N LEU A 376 -6.05 -9.43 -12.20
CA LEU A 376 -7.37 -9.65 -11.58
CA LEU A 376 -7.37 -9.66 -11.60
C LEU A 376 -8.35 -8.53 -11.86
N GLY A 377 -8.16 -7.84 -12.98
CA GLY A 377 -9.19 -6.95 -13.47
C GLY A 377 -9.20 -5.57 -12.86
N GLN A 378 -8.11 -4.83 -13.00
CA GLN A 378 -8.21 -3.39 -12.73
C GLN A 378 -7.53 -2.59 -13.83
N GLY A 379 -7.69 -1.27 -13.77
CA GLY A 379 -7.02 -0.41 -14.74
C GLY A 379 -6.65 0.87 -14.00
N ILE A 380 -5.53 1.49 -14.38
CA ILE A 380 -5.17 2.75 -13.76
C ILE A 380 -4.61 3.68 -14.84
N ALA A 381 -4.84 4.98 -14.70
CA ALA A 381 -4.38 5.95 -15.69
C ALA A 381 -4.10 7.31 -15.05
N THR A 382 -3.15 8.02 -15.63
CA THR A 382 -2.89 9.40 -15.25
C THR A 382 -2.73 10.24 -16.52
N VAL A 383 -3.33 11.43 -16.54
CA VAL A 383 -3.08 12.42 -17.59
C VAL A 383 -2.12 13.45 -17.01
N PHE A 384 -1.01 13.69 -17.72
CA PHE A 384 -0.03 14.70 -17.34
C PHE A 384 -0.10 15.87 -18.31
N GLU A 385 0.19 17.06 -17.81
CA GLU A 385 0.26 18.26 -18.63
C GLU A 385 1.66 18.87 -18.51
N ARG A 386 2.18 19.39 -19.61
CA ARG A 386 3.39 20.22 -19.56
C ARG A 386 2.91 21.59 -19.96
N VAL A 387 2.98 22.50 -19.10
CA VAL A 387 2.62 23.87 -19.44
C VAL A 387 3.75 24.60 -20.20
N MSE B 1 -13.26 21.34 -0.32
CA MSE B 1 -13.01 19.87 -0.16
C MSE B 1 -14.06 19.23 0.70
O MSE B 1 -14.48 19.79 1.71
CB MSE B 1 -11.63 19.63 0.47
CG MSE B 1 -10.50 19.89 -0.49
SE MSE B 1 -8.84 19.28 0.29
CE MSE B 1 -8.80 20.35 1.89
N GLU B 2 -14.48 18.02 0.34
CA GLU B 2 -15.48 17.32 1.13
C GLU B 2 -14.88 16.95 2.48
N GLN B 3 -15.71 16.87 3.51
CA GLN B 3 -15.28 16.31 4.77
C GLN B 3 -15.55 14.83 4.71
N VAL B 4 -14.82 14.06 5.51
CA VAL B 4 -14.92 12.59 5.45
C VAL B 4 -15.53 12.05 6.73
N VAL B 5 -16.63 11.32 6.58
CA VAL B 5 -17.32 10.75 7.74
C VAL B 5 -17.24 9.24 7.72
N ILE B 6 -17.21 8.66 8.92
CA ILE B 6 -17.26 7.22 9.04
C ILE B 6 -18.71 6.83 9.31
N VAL B 7 -19.28 6.02 8.41
CA VAL B 7 -20.69 5.63 8.54
C VAL B 7 -20.89 4.29 9.28
N ASP B 8 -19.88 3.43 9.23
CA ASP B 8 -19.91 2.16 9.96
C ASP B 8 -18.49 1.69 10.18
N ALA B 9 -18.29 0.86 11.22
CA ALA B 9 -16.95 0.42 11.63
C ALA B 9 -17.20 -0.87 12.35
N ILE B 10 -16.53 -1.94 11.90
CA ILE B 10 -16.79 -3.28 12.43
C ILE B 10 -15.48 -4.07 12.45
N ARG B 11 -15.49 -5.19 13.15
CA ARG B 11 -14.29 -6.01 13.20
C ARG B 11 -14.68 -7.46 13.43
N THR B 12 -13.78 -8.37 13.11
CA THR B 12 -13.96 -9.75 13.55
C THR B 12 -13.59 -9.86 15.04
N PRO B 13 -13.97 -10.98 15.69
CA PRO B 13 -13.29 -11.30 16.94
C PRO B 13 -11.79 -11.41 16.68
N MSE B 14 -11.00 -11.22 17.72
CA MSE B 14 -9.55 -11.49 17.66
C MSE B 14 -9.33 -12.95 18.05
O MSE B 14 -9.53 -13.32 19.19
CB MSE B 14 -8.82 -10.56 18.61
CG MSE B 14 -9.02 -9.06 18.25
SE MSE B 14 -8.14 -8.65 16.53
CE MSE B 14 -9.72 -8.21 15.49
N GLY B 15 -8.93 -13.77 17.07
CA GLY B 15 -8.69 -15.19 17.35
C GLY B 15 -7.29 -15.42 17.85
N ARG B 16 -7.10 -16.42 18.73
CA ARG B 16 -5.75 -16.78 19.17
C ARG B 16 -4.99 -17.38 18.01
N SER B 17 -3.87 -16.76 17.61
CA SER B 17 -3.09 -17.31 16.49
C SER B 17 -2.54 -18.71 16.79
N LYS B 18 -2.13 -18.97 18.04
CA LYS B 18 -1.52 -20.25 18.40
CA LYS B 18 -1.52 -20.25 18.38
C LYS B 18 -2.60 -21.29 18.67
N GLY B 19 -3.20 -21.80 17.61
CA GLY B 19 -4.12 -22.92 17.72
C GLY B 19 -5.58 -22.56 17.90
N GLY B 20 -5.94 -21.29 17.73
CA GLY B 20 -7.30 -20.81 17.99
C GLY B 20 -8.32 -20.73 16.86
N ALA B 21 -9.26 -19.82 17.04
CA ALA B 21 -10.51 -19.78 16.31
C ALA B 21 -10.35 -19.84 14.81
N PHE B 22 -9.34 -19.13 14.28
CA PHE B 22 -9.20 -18.94 12.84
C PHE B 22 -8.09 -19.76 12.21
N ARG B 23 -7.64 -20.81 12.90
CA ARG B 23 -6.53 -21.62 12.40
C ARG B 23 -6.84 -22.28 11.05
N ASN B 24 -8.13 -22.43 10.74
CA ASN B 24 -8.53 -23.02 9.47
C ASN B 24 -9.33 -22.04 8.60
N VAL B 25 -9.21 -20.75 8.88
CA VAL B 25 -9.94 -19.73 8.10
C VAL B 25 -8.91 -18.81 7.48
N ARG B 26 -9.02 -18.63 6.16
CA ARG B 26 -8.03 -17.83 5.44
C ARG B 26 -8.18 -16.32 5.60
N ALA B 27 -7.06 -15.62 5.48
CA ALA B 27 -7.05 -14.16 5.58
C ALA B 27 -8.03 -13.50 4.61
N GLU B 28 -8.15 -14.03 3.39
CA GLU B 28 -9.04 -13.40 2.42
C GLU B 28 -10.51 -13.58 2.85
N ASP B 29 -10.80 -14.67 3.57
CA ASP B 29 -12.17 -14.93 4.03
C ASP B 29 -12.55 -14.08 5.20
N LEU B 30 -11.63 -13.86 6.14
CA LEU B 30 -11.88 -12.94 7.25
C LEU B 30 -12.20 -11.55 6.66
N SER B 31 -11.39 -11.15 5.68
CA SER B 31 -11.55 -9.86 5.02
C SER B 31 -12.87 -9.78 4.26
N ALA B 32 -13.16 -10.80 3.46
CA ALA B 32 -14.36 -10.80 2.63
C ALA B 32 -15.58 -10.71 3.53
N HIS B 33 -15.52 -11.40 4.67
CA HIS B 33 -16.63 -11.45 5.62
C HIS B 33 -16.97 -10.05 6.10
N LEU B 34 -15.95 -9.27 6.45
CA LEU B 34 -16.23 -7.90 6.90
C LEU B 34 -16.72 -7.01 5.74
N MSE B 35 -16.13 -7.18 4.56
CA MSE B 35 -16.55 -6.36 3.43
C MSE B 35 -18.02 -6.63 3.16
O MSE B 35 -18.80 -5.68 2.96
CB MSE B 35 -15.73 -6.64 2.17
CG MSE B 35 -14.30 -6.21 2.37
SE MSE B 35 -13.27 -6.63 0.77
CE MSE B 35 -11.54 -5.97 1.31
N ARG B 36 -18.39 -7.90 3.14
CA ARG B 36 -19.80 -8.30 2.86
C ARG B 36 -20.71 -7.71 3.92
N SER B 37 -20.24 -7.79 5.16
CA SER B 37 -21.01 -7.32 6.30
CA SER B 37 -21.00 -7.30 6.31
C SER B 37 -21.22 -5.81 6.27
N LEU B 38 -20.19 -5.06 5.88
CA LEU B 38 -20.37 -3.60 5.82
C LEU B 38 -21.50 -3.24 4.85
N LEU B 39 -21.52 -3.92 3.71
CA LEU B 39 -22.56 -3.68 2.73
CA LEU B 39 -22.57 -3.68 2.71
C LEU B 39 -23.94 -4.12 3.25
N ALA B 40 -23.98 -5.33 3.81
CA ALA B 40 -25.23 -5.88 4.33
C ALA B 40 -25.86 -5.00 5.41
N ARG B 41 -25.03 -4.39 6.25
CA ARG B 41 -25.52 -3.58 7.38
C ARG B 41 -26.00 -2.19 6.95
N ASN B 42 -25.69 -1.82 5.72
CA ASN B 42 -25.96 -0.48 5.22
C ASN B 42 -26.71 -0.56 3.89
N PRO B 43 -27.99 -0.93 3.94
CA PRO B 43 -28.71 -1.22 2.69
C PRO B 43 -28.83 -0.03 1.75
N SER B 44 -28.76 1.20 2.27
CA SER B 44 -28.87 2.36 1.37
C SER B 44 -27.67 2.49 0.43
N LEU B 45 -26.56 1.85 0.74
CA LEU B 45 -25.40 1.88 -0.15
C LEU B 45 -25.56 0.80 -1.23
N THR B 46 -25.45 1.19 -2.49
CA THR B 46 -25.48 0.26 -3.59
C THR B 46 -24.04 -0.02 -3.89
N ALA B 47 -23.66 -1.29 -3.84
CA ALA B 47 -22.25 -1.69 -3.84
C ALA B 47 -21.44 -1.13 -5.01
N ALA B 48 -22.03 -1.05 -6.20
CA ALA B 48 -21.27 -0.55 -7.36
C ALA B 48 -20.88 0.92 -7.22
N THR B 49 -21.45 1.63 -6.25
CA THR B 49 -21.08 3.04 -6.04
C THR B 49 -19.80 3.19 -5.23
N LEU B 50 -19.30 2.08 -4.70
CA LEU B 50 -17.97 2.15 -4.06
C LEU B 50 -16.93 2.59 -5.07
N ASP B 51 -16.07 3.51 -4.66
CA ASP B 51 -15.05 4.04 -5.58
C ASP B 51 -13.70 3.39 -5.45
N ASP B 52 -13.44 2.79 -4.30
CA ASP B 52 -12.18 2.10 -4.07
C ASP B 52 -12.25 1.38 -2.75
N ILE B 53 -11.29 0.48 -2.59
CA ILE B 53 -11.15 -0.30 -1.38
C ILE B 53 -9.67 -0.22 -1.01
N TYR B 54 -9.39 0.31 0.18
CA TYR B 54 -8.02 0.34 0.68
C TYR B 54 -7.87 -0.62 1.86
N TRP B 55 -6.91 -1.54 1.79
CA TRP B 55 -6.81 -2.58 2.83
C TRP B 55 -5.38 -2.71 3.30
N GLY B 56 -5.19 -2.70 4.64
CA GLY B 56 -3.87 -2.84 5.23
C GLY B 56 -3.54 -4.31 5.41
N CYS B 57 -2.30 -4.64 5.09
CA CYS B 57 -1.76 -5.96 5.39
C CYS B 57 -0.26 -5.92 5.21
N VAL B 58 0.46 -6.55 6.14
CA VAL B 58 1.93 -6.45 6.15
C VAL B 58 2.58 -7.66 5.48
N GLN B 59 2.22 -8.86 5.89
CA GLN B 59 2.95 -10.05 5.41
C GLN B 59 2.31 -10.51 4.12
N GLN B 60 2.59 -9.78 3.05
CA GLN B 60 1.90 -10.01 1.78
C GLN B 60 2.52 -11.11 0.94
N THR B 61 2.37 -12.33 1.43
CA THR B 61 2.76 -13.53 0.71
C THR B 61 1.80 -14.65 1.10
N LEU B 62 1.92 -15.80 0.42
CA LEU B 62 0.98 -16.90 0.65
C LEU B 62 -0.46 -16.35 0.52
N GLU B 63 -1.35 -16.69 1.43
CA GLU B 63 -2.75 -16.27 1.27
C GLU B 63 -2.97 -14.76 1.40
N GLN B 64 -1.91 -14.05 1.81
CA GLN B 64 -1.97 -12.60 1.91
C GLN B 64 -1.31 -11.88 0.74
N GLY B 65 -0.89 -12.65 -0.26
CA GLY B 65 -0.12 -12.06 -1.36
C GLY B 65 -1.01 -11.62 -2.53
N PHE B 66 -0.38 -10.96 -3.50
CA PHE B 66 -1.04 -10.65 -4.79
C PHE B 66 -2.27 -9.77 -4.64
N ASN B 67 -2.16 -8.74 -3.77
CA ASN B 67 -3.20 -7.74 -3.56
C ASN B 67 -4.44 -8.31 -2.91
N ILE B 68 -4.31 -8.68 -1.63
CA ILE B 68 -5.43 -9.27 -0.88
C ILE B 68 -6.68 -8.38 -0.92
N ALA B 69 -6.51 -7.04 -0.99
CA ALA B 69 -7.70 -6.18 -1.02
C ALA B 69 -8.65 -6.61 -2.15
N ARG B 70 -8.07 -6.81 -3.32
CA ARG B 70 -8.87 -7.22 -4.46
C ARG B 70 -9.38 -8.64 -4.33
N ASN B 71 -8.52 -9.57 -3.91
CA ASN B 71 -8.95 -10.98 -3.75
C ASN B 71 -10.13 -11.08 -2.79
N ALA B 72 -10.05 -10.38 -1.69
CA ALA B 72 -11.12 -10.39 -0.70
C ALA B 72 -12.39 -9.79 -1.25
N ALA B 73 -12.26 -8.69 -2.00
CA ALA B 73 -13.44 -8.00 -2.54
C ALA B 73 -14.15 -8.90 -3.55
N LEU B 74 -13.39 -9.63 -4.35
CA LEU B 74 -13.99 -10.57 -5.30
C LEU B 74 -14.68 -11.72 -4.55
N LEU B 75 -14.05 -12.21 -3.49
CA LEU B 75 -14.69 -13.25 -2.67
C LEU B 75 -15.96 -12.78 -1.97
N ALA B 76 -15.99 -11.51 -1.59
CA ALA B 76 -17.15 -10.88 -0.97
C ALA B 76 -18.28 -10.59 -2.00
N GLU B 77 -18.00 -10.86 -3.27
CA GLU B 77 -18.94 -10.55 -4.34
C GLU B 77 -19.28 -9.07 -4.47
N ILE B 78 -18.32 -8.22 -4.14
CA ILE B 78 -18.41 -6.81 -4.52
C ILE B 78 -18.23 -6.75 -6.04
N PRO B 79 -19.00 -5.89 -6.72
CA PRO B 79 -18.94 -5.81 -8.17
C PRO B 79 -17.50 -5.67 -8.64
N HIS B 80 -17.16 -6.37 -9.72
CA HIS B 80 -15.77 -6.31 -10.15
C HIS B 80 -15.34 -4.94 -10.64
N SER B 81 -16.30 -4.06 -10.89
CA SER B 81 -15.99 -2.70 -11.32
C SER B 81 -15.35 -1.88 -10.19
N VAL B 82 -15.48 -2.33 -8.94
CA VAL B 82 -14.88 -1.59 -7.83
C VAL B 82 -13.41 -2.00 -7.70
N PRO B 83 -12.50 -1.02 -7.74
CA PRO B 83 -11.07 -1.33 -7.61
C PRO B 83 -10.67 -1.52 -6.14
N ALA B 84 -9.43 -1.98 -5.93
CA ALA B 84 -8.97 -2.33 -4.58
C ALA B 84 -7.46 -2.32 -4.51
N VAL B 85 -6.91 -1.79 -3.42
CA VAL B 85 -5.43 -1.69 -3.27
C VAL B 85 -5.03 -2.12 -1.84
N THR B 86 -3.84 -2.73 -1.72
CA THR B 86 -3.32 -3.17 -0.39
C THR B 86 -2.18 -2.26 0.01
N VAL B 87 -2.25 -1.79 1.26
CA VAL B 87 -1.34 -0.79 1.83
C VAL B 87 -0.46 -1.38 2.93
N ASN B 88 0.83 -1.03 2.92
CA ASN B 88 1.72 -1.58 3.95
C ASN B 88 2.55 -0.44 4.56
N ARG B 89 2.16 0.04 5.74
CA ARG B 89 3.04 0.84 6.59
C ARG B 89 3.17 0.11 7.93
N LEU B 90 3.59 -1.16 7.84
CA LEU B 90 3.70 -2.08 8.98
C LEU B 90 2.49 -1.94 9.90
N CYS B 91 2.75 -1.74 11.20
CA CYS B 91 1.69 -1.63 12.23
C CYS B 91 0.58 -0.64 11.92
N GLY B 92 0.92 0.37 11.13
CA GLY B 92 -0.04 1.44 10.87
C GLY B 92 -0.82 1.25 9.57
N SER B 93 -0.64 0.10 8.91
CA SER B 93 -1.21 -0.10 7.55
C SER B 93 -2.69 0.25 7.37
N SER B 94 -3.58 -0.18 8.27
CA SER B 94 -4.99 0.10 7.98
C SER B 94 -5.41 1.50 8.43
N MSE B 95 -4.59 2.14 9.27
CA MSE B 95 -4.81 3.57 9.50
C MSE B 95 -4.33 4.36 8.30
O MSE B 95 -4.97 5.34 7.92
CB MSE B 95 -4.13 4.05 10.80
CG MSE B 95 -4.48 5.51 11.10
SE MSE B 95 -4.04 6.06 12.90
CE MSE B 95 -5.34 4.95 13.84
N GLN B 96 -3.24 3.92 7.67
CA GLN B 96 -2.81 4.50 6.40
C GLN B 96 -3.91 4.34 5.35
N ALA B 97 -4.51 3.16 5.31
CA ALA B 97 -5.62 2.90 4.36
C ALA B 97 -6.73 3.93 4.58
N LEU B 98 -7.08 4.17 5.85
CA LEU B 98 -8.05 5.21 6.17
C LEU B 98 -7.64 6.57 5.64
N HIS B 99 -6.38 6.93 5.86
CA HIS B 99 -5.91 8.26 5.42
C HIS B 99 -5.97 8.44 3.88
N ASP B 100 -5.49 7.43 3.15
CA ASP B 100 -5.45 7.56 1.69
C ASP B 100 -6.86 7.56 1.11
N ALA B 101 -7.74 6.71 1.64
CA ALA B 101 -9.13 6.71 1.21
C ALA B 101 -9.80 8.06 1.50
N ALA B 102 -9.50 8.62 2.68
CA ALA B 102 -10.14 9.90 3.09
C ALA B 102 -9.69 10.98 2.11
N ARG B 103 -8.40 11.00 1.79
CA ARG B 103 -7.90 12.01 0.86
C ARG B 103 -8.42 11.82 -0.55
N MSE B 104 -8.63 10.57 -0.97
CA MSE B 104 -9.29 10.33 -2.26
C MSE B 104 -10.68 10.97 -2.27
O MSE B 104 -11.12 11.52 -3.30
CB MSE B 104 -9.37 8.82 -2.54
CG MSE B 104 -9.83 8.51 -3.95
SE MSE B 104 -10.09 6.63 -4.16
CE MSE B 104 -10.41 6.59 -6.09
N ILE B 105 -11.39 10.89 -1.14
CA ILE B 105 -12.71 11.52 -1.02
C ILE B 105 -12.60 13.06 -1.00
N MSE B 106 -11.66 13.57 -0.21
CA MSE B 106 -11.53 15.03 -0.06
C MSE B 106 -11.27 15.72 -1.38
O MSE B 106 -11.80 16.80 -1.63
CB MSE B 106 -10.39 15.34 0.91
CG MSE B 106 -10.77 14.98 2.34
SE MSE B 106 -9.20 15.08 3.48
CE MSE B 106 -9.26 16.99 3.78
N THR B 107 -10.47 15.08 -2.22
CA THR B 107 -10.13 15.68 -3.50
C THR B 107 -11.22 15.50 -4.54
N GLY B 108 -12.27 14.76 -4.21
CA GLY B 108 -13.34 14.44 -5.19
C GLY B 108 -13.08 13.30 -6.17
N ASP B 109 -11.95 12.61 -6.03
CA ASP B 109 -11.69 11.41 -6.81
C ASP B 109 -12.58 10.23 -6.37
N ALA B 110 -13.20 10.35 -5.19
CA ALA B 110 -14.11 9.32 -4.69
C ALA B 110 -15.18 9.99 -3.84
N GLN B 111 -16.31 9.31 -3.67
CA GLN B 111 -17.32 9.72 -2.74
CA GLN B 111 -17.30 9.73 -2.71
C GLN B 111 -17.54 8.66 -1.64
N VAL B 112 -17.25 7.39 -1.95
CA VAL B 112 -17.40 6.30 -0.96
C VAL B 112 -16.28 5.28 -1.11
N CYS B 113 -15.69 4.85 0.01
CA CYS B 113 -14.64 3.85 0.00
C CYS B 113 -14.86 2.83 1.12
N LEU B 114 -14.39 1.61 0.92
CA LEU B 114 -14.23 0.69 2.06
C LEU B 114 -12.77 0.78 2.52
N VAL B 115 -12.58 0.74 3.82
CA VAL B 115 -11.24 0.84 4.41
C VAL B 115 -11.15 -0.30 5.41
N GLY B 116 -9.95 -0.86 5.58
CA GLY B 116 -9.83 -1.87 6.62
C GLY B 116 -8.48 -2.54 6.52
N GLY B 117 -8.40 -3.72 7.13
CA GLY B 117 -7.13 -4.44 7.08
C GLY B 117 -7.28 -5.81 7.71
N VAL B 118 -6.26 -6.63 7.52
CA VAL B 118 -6.27 -8.00 8.06
C VAL B 118 -4.85 -8.42 8.37
N GLU B 119 -4.69 -9.26 9.39
CA GLU B 119 -3.43 -9.99 9.50
C GLU B 119 -3.69 -11.36 10.07
N HIS B 120 -3.28 -12.39 9.35
CA HIS B 120 -3.49 -13.73 9.83
C HIS B 120 -2.14 -14.23 10.26
N MSE B 121 -1.80 -13.98 11.51
CA MSE B 121 -0.44 -14.23 11.93
C MSE B 121 -0.16 -15.70 12.15
O MSE B 121 1.00 -16.13 12.09
CB MSE B 121 -0.09 -13.36 13.12
CG MSE B 121 -0.22 -11.89 12.67
SE MSE B 121 0.69 -10.64 13.80
CE MSE B 121 -0.35 -11.01 15.31
N GLY B 122 -1.21 -16.47 12.38
CA GLY B 122 -1.09 -17.92 12.48
C GLY B 122 -0.69 -18.48 11.14
N HIS B 123 -1.28 -17.98 10.05
CA HIS B 123 -0.91 -18.49 8.71
C HIS B 123 0.35 -17.89 8.07
N VAL B 124 0.64 -16.61 8.37
CA VAL B 124 1.80 -15.95 7.78
C VAL B 124 2.48 -15.20 8.90
N PRO B 125 3.27 -15.94 9.71
CA PRO B 125 3.94 -15.37 10.87
C PRO B 125 4.94 -14.29 10.54
N MSE B 126 5.23 -13.44 11.51
CA MSE B 126 6.15 -12.33 11.30
C MSE B 126 7.54 -12.83 10.94
O MSE B 126 8.30 -12.12 10.27
CB MSE B 126 6.23 -11.43 12.53
CG MSE B 126 5.05 -10.48 12.71
SE MSE B 126 4.22 -9.74 11.10
CE MSE B 126 5.66 -8.59 10.46
N SER B 127 7.88 -14.05 11.37
CA SER B 127 9.20 -14.60 11.09
C SER B 127 9.28 -15.20 9.71
N HIS B 128 8.14 -15.34 9.04
CA HIS B 128 8.15 -16.01 7.75
C HIS B 128 8.69 -15.12 6.63
N GLY B 129 9.62 -15.66 5.84
CA GLY B 129 10.18 -14.94 4.67
C GLY B 129 10.99 -13.71 4.99
N VAL B 130 11.66 -13.70 6.14
CA VAL B 130 12.45 -12.55 6.56
C VAL B 130 13.80 -12.58 5.87
N ASP B 131 14.19 -11.45 5.28
CA ASP B 131 15.54 -11.29 4.73
C ASP B 131 15.86 -9.79 4.88
N PHE B 132 16.31 -9.38 6.07
CA PHE B 132 16.59 -7.98 6.35
CA PHE B 132 16.54 -7.96 6.26
C PHE B 132 17.93 -7.58 5.74
N HIS B 133 17.99 -6.42 5.13
CA HIS B 133 19.22 -5.96 4.50
C HIS B 133 20.32 -5.89 5.57
N PRO B 134 21.51 -6.45 5.27
CA PRO B 134 22.63 -6.43 6.22
C PRO B 134 22.94 -5.02 6.67
N GLY B 135 22.72 -4.06 5.76
CA GLY B 135 23.02 -2.65 6.02
C GLY B 135 22.08 -1.99 7.00
N LEU B 136 21.03 -2.71 7.39
CA LEU B 136 20.08 -2.20 8.37
C LEU B 136 20.15 -2.97 9.69
N SER B 137 21.19 -3.78 9.85
CA SER B 137 21.28 -4.68 11.02
C SER B 137 21.08 -3.94 12.34
N ARG B 138 21.57 -2.71 12.43
CA ARG B 138 21.29 -1.82 13.55
C ARG B 138 21.26 -2.55 14.88
N GLY B 145 21.81 -8.60 22.34
CA GLY B 145 21.48 -7.59 23.35
C GLY B 145 20.78 -6.34 22.80
N MSE B 146 20.81 -6.19 21.48
CA MSE B 146 20.31 -4.97 20.83
C MSE B 146 18.80 -4.86 20.90
O MSE B 146 18.23 -3.76 20.83
CB MSE B 146 20.77 -4.89 19.37
CG MSE B 146 22.24 -4.51 19.15
SE MSE B 146 22.63 -2.61 19.51
CE MSE B 146 21.07 -1.77 18.68
N MSE B 147 18.13 -6.01 21.03
CA MSE B 147 16.67 -5.98 21.11
C MSE B 147 16.28 -5.25 22.40
O MSE B 147 15.52 -4.30 22.35
CB MSE B 147 16.08 -7.39 21.09
CG MSE B 147 15.00 -7.62 20.02
SE MSE B 147 13.82 -6.10 19.57
CE MSE B 147 14.96 -5.17 18.27
N GLY B 148 16.76 -5.68 23.56
CA GLY B 148 16.46 -4.96 24.77
C GLY B 148 16.90 -3.50 24.76
N LEU B 149 18.06 -3.28 24.16
CA LEU B 149 18.57 -1.94 24.09
C LEU B 149 17.50 -1.09 23.50
N THR B 150 16.98 -1.47 22.36
CA THR B 150 16.04 -0.59 21.66
C THR B 150 14.60 -0.69 22.23
N ALA B 151 14.17 -1.88 22.54
CA ALA B 151 12.78 -2.07 22.93
C ALA B 151 12.51 -1.45 24.30
N GLU B 152 13.53 -1.32 25.13
CA GLU B 152 13.32 -0.80 26.47
C GLU B 152 13.96 0.57 26.66
N MSE B 153 14.35 1.21 25.57
CA MSE B 153 14.96 2.54 25.70
C MSE B 153 14.02 3.54 26.39
O MSE B 153 14.41 4.27 27.33
CB MSE B 153 15.34 3.07 24.33
CG MSE B 153 15.72 4.51 24.33
SE MSE B 153 17.63 4.54 24.08
CE MSE B 153 17.70 3.82 22.27
N LEU B 154 12.75 3.57 25.97
CA LEU B 154 11.79 4.50 26.57
C LEU B 154 11.46 4.18 28.02
N SER B 155 11.41 2.88 28.37
CA SER B 155 11.09 2.52 29.76
C SER B 155 12.27 2.89 30.68
N ARG B 156 13.50 2.77 30.15
CA ARG B 156 14.68 3.15 30.93
C ARG B 156 14.70 4.67 31.08
N LEU B 157 14.41 5.38 29.99
CA LEU B 157 14.37 6.85 30.01
C LEU B 157 13.34 7.41 30.96
N HIS B 158 12.18 6.76 31.03
CA HIS B 158 11.09 7.31 31.81
C HIS B 158 10.85 6.61 33.13
N GLY B 159 11.74 5.69 33.49
CA GLY B 159 11.65 4.99 34.79
C GLY B 159 10.34 4.23 34.90
N ILE B 160 10.00 3.48 33.86
CA ILE B 160 8.80 2.68 33.87
C ILE B 160 9.15 1.26 34.30
N SER B 161 8.74 0.90 35.52
CA SER B 161 9.22 -0.34 36.14
C SER B 161 8.49 -1.56 35.62
N ARG B 162 9.05 -2.73 35.93
CA ARG B 162 8.40 -3.99 35.64
C ARG B 162 7.00 -4.04 36.31
N GLU B 163 6.91 -3.55 37.54
CA GLU B 163 5.61 -3.58 38.22
C GLU B 163 4.55 -2.72 37.52
N MSE B 164 4.92 -1.53 37.07
CA MSE B 164 4.00 -0.67 36.34
C MSE B 164 3.54 -1.31 35.05
O MSE B 164 2.37 -1.16 34.63
CB MSE B 164 4.65 0.68 36.04
CG MSE B 164 4.92 1.49 37.27
SE MSE B 164 6.05 3.03 36.84
CE MSE B 164 4.82 4.00 35.74
N GLN B 165 4.49 -1.98 34.38
CA GLN B 165 4.17 -2.67 33.12
C GLN B 165 3.21 -3.81 33.36
N ASP B 166 3.46 -4.62 34.39
CA ASP B 166 2.55 -5.73 34.73
C ASP B 166 1.15 -5.25 35.12
N GLN B 167 1.07 -4.15 35.88
CA GLN B 167 -0.23 -3.58 36.26
C GLN B 167 -1.01 -3.14 35.01
N PHE B 168 -0.31 -2.51 34.06
CA PHE B 168 -0.96 -2.04 32.84
C PHE B 168 -1.46 -3.22 32.00
N ALA B 169 -0.67 -4.28 31.95
CA ALA B 169 -1.04 -5.47 31.19
C ALA B 169 -2.23 -6.18 31.84
N ALA B 170 -2.21 -6.31 33.16
CA ALA B 170 -3.37 -6.91 33.86
C ALA B 170 -4.64 -6.10 33.55
N ARG B 171 -4.48 -4.79 33.54
CA ARG B 171 -5.57 -3.85 33.25
C ARG B 171 -6.14 -4.05 31.85
N SER B 172 -5.28 -4.30 30.88
CA SER B 172 -5.70 -4.51 29.50
C SER B 172 -6.69 -5.70 29.41
N HIS B 173 -6.32 -6.82 30.02
CA HIS B 173 -7.20 -7.98 30.00
C HIS B 173 -8.48 -7.71 30.80
N ALA B 174 -8.34 -7.07 31.96
CA ALA B 174 -9.50 -6.82 32.81
C ALA B 174 -10.49 -5.94 32.05
N ARG B 175 -10.00 -4.89 31.41
CA ARG B 175 -10.90 -3.99 30.65
C ARG B 175 -11.51 -4.61 29.42
N ALA B 176 -10.74 -5.40 28.67
CA ALA B 176 -11.27 -6.11 27.52
C ALA B 176 -12.32 -7.14 27.96
N TRP B 177 -12.06 -7.80 29.09
CA TRP B 177 -13.02 -8.76 29.60
C TRP B 177 -14.26 -8.07 30.10
N ALA B 178 -14.10 -6.95 30.81
CA ALA B 178 -15.32 -6.25 31.24
C ALA B 178 -16.16 -5.77 30.05
N ALA B 179 -15.50 -5.32 28.99
CA ALA B 179 -16.23 -4.93 27.77
C ALA B 179 -16.94 -6.13 27.16
N THR B 180 -16.32 -7.31 27.23
CA THR B 180 -16.92 -8.51 26.65
C THR B 180 -18.15 -8.89 27.45
N GLN B 181 -18.00 -8.86 28.77
CA GLN B 181 -19.07 -9.29 29.68
C GLN B 181 -20.28 -8.36 29.63
N SER B 182 -20.04 -7.06 29.41
CA SER B 182 -21.12 -6.06 29.47
C SER B 182 -21.84 -5.91 28.15
N GLY B 183 -21.34 -6.54 27.10
CA GLY B 183 -21.90 -6.32 25.76
C GLY B 183 -21.35 -5.11 25.04
N ALA B 184 -20.36 -4.44 25.61
CA ALA B 184 -19.83 -3.20 25.03
C ALA B 184 -19.15 -3.43 23.66
N PHE B 185 -18.78 -4.68 23.37
CA PHE B 185 -18.14 -4.98 22.08
C PHE B 185 -19.15 -5.49 21.03
N LYS B 186 -20.42 -5.64 21.43
CA LYS B 186 -21.46 -6.23 20.55
CA LYS B 186 -21.42 -6.24 20.53
C LYS B 186 -21.74 -5.34 19.37
N THR B 187 -21.57 -4.04 19.55
CA THR B 187 -21.83 -3.10 18.51
CA THR B 187 -21.84 -3.10 18.50
C THR B 187 -20.73 -3.13 17.44
N GLU B 188 -19.56 -3.66 17.78
CA GLU B 188 -18.48 -3.67 16.78
C GLU B 188 -18.04 -5.03 16.27
N ILE B 189 -18.21 -6.08 17.06
CA ILE B 189 -17.82 -7.43 16.62
C ILE B 189 -18.91 -8.05 15.76
N ILE B 190 -18.56 -8.52 14.56
CA ILE B 190 -19.47 -9.29 13.70
C ILE B 190 -19.17 -10.74 13.99
N PRO B 191 -20.19 -11.55 14.36
CA PRO B 191 -19.92 -12.97 14.60
C PRO B 191 -19.23 -13.56 13.38
N THR B 192 -18.18 -14.35 13.61
CA THR B 192 -17.35 -14.85 12.50
C THR B 192 -17.09 -16.34 12.73
N GLY B 193 -17.18 -17.12 11.66
CA GLY B 193 -17.01 -18.56 11.79
C GLY B 193 -15.57 -18.96 12.00
N GLY B 194 -15.37 -19.86 12.93
CA GLY B 194 -14.06 -20.46 13.15
C GLY B 194 -14.27 -21.87 13.61
N HIS B 195 -13.32 -22.39 14.38
CA HIS B 195 -13.43 -23.74 14.92
C HIS B 195 -13.11 -23.71 16.39
N ASP B 196 -13.88 -24.44 17.16
CA ASP B 196 -13.67 -24.50 18.60
C ASP B 196 -12.53 -25.47 18.92
N ALA B 197 -12.26 -25.68 20.20
CA ALA B 197 -11.09 -26.49 20.59
C ALA B 197 -11.17 -27.94 20.10
N ASP B 198 -12.38 -28.40 19.79
CA ASP B 198 -12.62 -29.78 19.41
C ASP B 198 -12.63 -29.94 17.90
N GLY B 199 -12.42 -28.84 17.18
CA GLY B 199 -12.40 -28.86 15.73
C GLY B 199 -13.77 -28.71 15.10
N VAL B 200 -14.76 -28.37 15.91
CA VAL B 200 -16.12 -28.21 15.43
C VAL B 200 -16.38 -26.75 15.03
N LEU B 201 -17.08 -26.57 13.91
CA LEU B 201 -17.46 -25.22 13.42
C LEU B 201 -18.13 -24.44 14.53
N LYS B 202 -17.71 -23.19 14.72
CA LYS B 202 -18.25 -22.38 15.78
C LYS B 202 -18.35 -20.92 15.32
N GLN B 203 -19.47 -20.26 15.62
CA GLN B 203 -19.55 -18.82 15.35
C GLN B 203 -18.98 -18.14 16.59
N PHE B 204 -17.90 -17.40 16.41
CA PHE B 204 -17.30 -16.62 17.50
C PHE B 204 -17.84 -15.21 17.54
N ASN B 205 -18.29 -14.78 18.73
CA ASN B 205 -18.81 -13.40 18.93
C ASN B 205 -18.08 -12.66 20.04
N TYR B 206 -16.88 -13.15 20.36
CA TYR B 206 -16.05 -12.57 21.40
C TYR B 206 -14.59 -12.81 21.10
N ASP B 207 -13.74 -11.98 21.69
CA ASP B 207 -12.29 -12.11 21.49
C ASP B 207 -11.66 -13.25 22.30
N GLU B 208 -11.41 -14.35 21.60
CA GLU B 208 -10.91 -15.59 22.21
C GLU B 208 -9.60 -15.38 22.92
N VAL B 209 -8.87 -14.39 22.43
CA VAL B 209 -7.52 -14.15 22.90
C VAL B 209 -7.43 -13.45 24.27
N ILE B 210 -8.51 -12.81 24.74
CA ILE B 210 -8.49 -12.19 26.07
C ILE B 210 -8.38 -13.28 27.15
N ARG B 211 -7.61 -13.00 28.20
CA ARG B 211 -7.43 -14.00 29.27
C ARG B 211 -7.99 -13.48 30.58
N PRO B 212 -9.23 -13.88 30.92
CA PRO B 212 -9.83 -13.34 32.13
C PRO B 212 -9.13 -13.83 33.39
N GLU B 213 -8.33 -14.89 33.27
CA GLU B 213 -7.56 -15.36 34.42
C GLU B 213 -6.32 -14.52 34.70
N THR B 214 -6.01 -13.56 33.85
CA THR B 214 -4.82 -12.72 34.06
C THR B 214 -4.84 -11.96 35.39
N THR B 215 -3.73 -12.02 36.14
CA THR B 215 -3.59 -11.21 37.35
C THR B 215 -2.19 -10.61 37.34
N VAL B 216 -2.03 -9.52 38.06
CA VAL B 216 -0.69 -8.95 38.24
C VAL B 216 0.24 -9.96 38.89
N GLU B 217 -0.28 -10.71 39.86
CA GLU B 217 0.53 -11.76 40.50
C GLU B 217 1.12 -12.77 39.51
N ALA B 218 0.27 -13.27 38.61
CA ALA B 218 0.71 -14.23 37.62
C ALA B 218 1.68 -13.56 36.64
N LEU B 219 1.37 -12.33 36.22
CA LEU B 219 2.30 -11.65 35.31
C LEU B 219 3.67 -11.45 35.95
N SER B 220 3.69 -11.26 37.28
CA SER B 220 4.94 -11.02 37.98
C SER B 220 5.87 -12.23 38.02
N THR B 221 5.38 -13.41 37.64
CA THR B 221 6.21 -14.61 37.65
C THR B 221 7.05 -14.76 36.39
N LEU B 222 6.67 -14.02 35.36
CA LEU B 222 7.24 -14.28 34.05
C LEU B 222 8.68 -13.75 33.97
N ARG B 223 9.47 -14.37 33.10
CA ARG B 223 10.86 -13.97 32.92
C ARG B 223 10.92 -12.83 31.92
N PRO B 224 11.91 -11.94 32.04
CA PRO B 224 12.09 -10.87 31.05
C PRO B 224 12.24 -11.47 29.65
N ALA B 225 11.74 -10.76 28.65
CA ALA B 225 11.91 -11.18 27.27
C ALA B 225 13.32 -10.92 26.79
N PHE B 226 13.99 -9.92 27.34
CA PHE B 226 15.29 -9.51 26.82
C PHE B 226 16.40 -9.78 27.84
N ASP B 227 17.05 -8.77 28.38
CA ASP B 227 18.15 -9.10 29.31
C ASP B 227 17.63 -9.78 30.58
N PRO B 228 18.18 -10.94 30.96
CA PRO B 228 17.61 -11.66 32.11
C PRO B 228 17.72 -10.89 33.42
N VAL B 229 18.69 -10.00 33.52
CA VAL B 229 18.93 -9.32 34.78
C VAL B 229 18.31 -7.92 34.84
N SER B 230 18.36 -7.17 33.76
CA SER B 230 17.85 -5.80 33.82
C SER B 230 16.58 -5.62 32.98
N GLY B 231 16.20 -6.66 32.24
CA GLY B 231 15.02 -6.56 31.33
C GLY B 231 13.73 -6.41 32.13
N THR B 232 12.77 -5.66 31.58
CA THR B 232 11.46 -5.48 32.22
C THR B 232 10.28 -5.99 31.37
N VAL B 233 10.38 -5.84 30.05
CA VAL B 233 9.36 -6.40 29.15
C VAL B 233 9.25 -7.91 29.35
N THR B 234 8.02 -8.42 29.34
CA THR B 234 7.84 -9.87 29.26
C THR B 234 6.87 -10.17 28.14
N ALA B 235 6.70 -11.45 27.82
CA ALA B 235 5.68 -11.82 26.84
C ALA B 235 4.30 -11.39 27.31
N GLY B 236 4.11 -11.35 28.63
CA GLY B 236 2.78 -11.03 29.18
C GLY B 236 2.48 -9.53 29.13
N THR B 237 3.49 -8.71 28.84
CA THR B 237 3.26 -7.27 28.77
C THR B 237 3.56 -6.76 27.36
N SER B 238 3.63 -7.70 26.42
CA SER B 238 3.76 -7.39 24.99
C SER B 238 2.43 -7.72 24.34
N SER B 239 2.18 -7.17 23.16
CA SER B 239 0.93 -7.51 22.45
C SER B 239 0.77 -9.02 22.26
N ALA B 240 -0.47 -9.48 22.35
CA ALA B 240 -0.76 -10.88 22.06
C ALA B 240 -0.63 -11.17 20.58
N LEU B 241 -0.59 -12.45 20.27
CA LEU B 241 -0.57 -12.89 18.89
C LEU B 241 -1.99 -13.30 18.49
N SER B 242 -2.68 -12.44 17.75
CA SER B 242 -4.02 -12.75 17.29
C SER B 242 -4.18 -12.65 15.77
N ASP B 243 -5.24 -13.29 15.27
CA ASP B 243 -5.65 -13.22 13.87
C ASP B 243 -6.93 -12.40 13.79
N GLY B 244 -7.02 -11.45 12.86
CA GLY B 244 -8.25 -10.64 12.82
C GLY B 244 -8.28 -9.70 11.63
N ALA B 245 -9.46 -9.12 11.39
CA ALA B 245 -9.65 -8.06 10.39
C ALA B 245 -10.52 -6.99 11.02
N ALA B 246 -10.45 -5.77 10.48
CA ALA B 246 -11.33 -4.69 10.87
C ALA B 246 -11.69 -3.89 9.63
N ALA B 247 -12.81 -3.18 9.66
CA ALA B 247 -13.24 -2.48 8.43
C ALA B 247 -14.11 -1.28 8.75
N MSE B 248 -14.14 -0.32 7.88
CA MSE B 248 -14.96 0.86 7.98
C MSE B 248 -15.52 1.26 6.60
O MSE B 248 -14.83 1.13 5.57
CB MSE B 248 -14.13 2.03 8.53
CG MSE B 248 -13.72 1.79 9.96
SE MSE B 248 -12.73 3.34 10.70
CE MSE B 248 -11.36 2.91 9.86
N LEU B 249 -16.69 1.83 6.68
CA LEU B 249 -17.31 2.40 5.49
C LEU B 249 -17.17 3.92 5.64
N VAL B 250 -16.51 4.58 4.68
CA VAL B 250 -16.22 6.01 4.79
C VAL B 250 -16.78 6.71 3.54
N MSE B 251 -17.31 7.90 3.72
CA MSE B 251 -17.82 8.61 2.54
C MSE B 251 -17.77 10.11 2.78
O MSE B 251 -17.52 10.57 3.90
CB MSE B 251 -19.26 8.16 2.20
CG MSE B 251 -20.21 8.27 3.35
SE MSE B 251 -21.98 7.54 2.85
CE MSE B 251 -21.52 5.71 2.73
N SER B 252 -17.98 10.87 1.72
CA SER B 252 -18.14 12.31 1.92
C SER B 252 -19.35 12.60 2.81
N GLU B 253 -19.30 13.71 3.53
CA GLU B 253 -20.47 14.11 4.30
C GLU B 253 -21.70 14.30 3.40
N SER B 254 -21.46 14.84 2.21
CA SER B 254 -22.51 14.98 1.17
C SER B 254 -23.20 13.66 0.85
N ARG B 255 -22.42 12.64 0.53
CA ARG B 255 -23.01 11.37 0.19
C ARG B 255 -23.75 10.76 1.38
N ALA B 256 -23.21 10.89 2.59
CA ALA B 256 -23.93 10.35 3.74
C ALA B 256 -25.31 11.01 3.84
N ARG B 257 -25.33 12.32 3.67
CA ARG B 257 -26.60 13.06 3.74
CA ARG B 257 -26.60 13.06 3.74
C ARG B 257 -27.57 12.61 2.66
N GLU B 258 -27.11 12.49 1.43
CA GLU B 258 -27.93 11.98 0.32
C GLU B 258 -28.56 10.64 0.68
N LEU B 259 -27.79 9.81 1.35
CA LEU B 259 -28.28 8.46 1.63
C LEU B 259 -29.05 8.41 2.93
N GLY B 260 -29.08 9.48 3.69
CA GLY B 260 -29.77 9.49 4.94
C GLY B 260 -29.12 8.68 6.02
N LEU B 261 -27.82 8.64 6.03
CA LEU B 261 -27.03 7.96 7.07
C LEU B 261 -26.39 8.93 8.05
N LYS B 262 -26.58 8.67 9.34
CA LYS B 262 -26.00 9.49 10.39
C LYS B 262 -24.51 9.13 10.51
N PRO B 263 -23.62 10.11 10.35
CA PRO B 263 -22.22 9.79 10.59
C PRO B 263 -22.00 9.34 12.02
N ARG B 264 -21.16 8.34 12.20
CA ARG B 264 -20.73 7.94 13.54
C ARG B 264 -19.54 8.75 14.05
N ALA B 265 -18.72 9.26 13.13
CA ALA B 265 -17.63 10.19 13.48
C ALA B 265 -17.14 10.83 12.20
N ARG B 266 -16.38 11.92 12.33
CA ARG B 266 -15.82 12.62 11.19
C ARG B 266 -14.30 12.68 11.39
N ILE B 267 -13.54 12.60 10.31
CA ILE B 267 -12.09 12.76 10.45
C ILE B 267 -11.75 14.24 10.61
N ARG B 268 -11.09 14.61 11.71
CA ARG B 268 -10.70 16.01 11.90
C ARG B 268 -9.27 16.27 11.44
N SER B 269 -8.36 15.33 11.71
CA SER B 269 -6.98 15.48 11.22
C SER B 269 -6.28 14.14 11.16
N MSE B 270 -5.22 14.11 10.36
CA MSE B 270 -4.43 12.90 10.14
C MSE B 270 -2.97 13.27 10.19
O MSE B 270 -2.55 14.35 9.71
CB MSE B 270 -4.74 12.36 8.74
CG MSE B 270 -6.18 11.90 8.60
SE MSE B 270 -6.66 11.59 6.74
CE MSE B 270 -6.97 13.39 6.14
N ALA B 271 -2.14 12.40 10.73
CA ALA B 271 -0.69 12.70 10.72
C ALA B 271 0.10 11.43 10.62
N VAL B 272 1.23 11.50 9.93
CA VAL B 272 2.13 10.37 9.91
C VAL B 272 3.55 10.97 10.00
N VAL B 273 4.41 10.32 10.77
CA VAL B 273 5.77 10.81 11.02
C VAL B 273 6.77 9.68 11.06
N GLY B 274 8.03 10.03 10.78
CA GLY B 274 9.15 9.14 11.04
C GLY B 274 9.77 9.51 12.37
N CYS B 275 10.48 8.55 12.95
CA CYS B 275 11.30 8.84 14.11
C CYS B 275 12.46 7.88 14.16
N ASP B 276 13.31 8.00 15.18
CA ASP B 276 14.49 7.17 15.30
C ASP B 276 14.16 5.68 15.51
N PRO B 277 14.56 4.84 14.57
CA PRO B 277 14.18 3.43 14.66
C PRO B 277 14.75 2.75 15.90
N SER B 278 15.82 3.31 16.47
CA SER B 278 16.47 2.65 17.59
C SER B 278 15.77 3.03 18.91
N ILE B 279 14.79 3.92 18.87
CA ILE B 279 14.03 4.27 20.07
C ILE B 279 12.63 3.72 19.84
N MSE B 280 12.50 2.43 20.09
CA MSE B 280 11.32 1.72 19.63
C MSE B 280 10.06 2.22 20.34
O MSE B 280 10.05 2.40 21.54
CB MSE B 280 11.50 0.23 19.83
CG MSE B 280 10.43 -0.57 19.18
SE MSE B 280 10.76 -2.44 19.50
CE MSE B 280 12.55 -2.50 18.78
N GLY B 281 9.01 2.43 19.56
CA GLY B 281 7.68 2.64 20.12
C GLY B 281 7.36 4.11 20.38
N TYR B 282 8.27 5.00 19.99
CA TYR B 282 8.10 6.44 20.33
C TYR B 282 7.10 7.16 19.42
N GLY B 283 6.80 6.55 18.28
CA GLY B 283 5.95 7.17 17.24
C GLY B 283 4.71 7.94 17.65
N PRO B 284 3.91 7.40 18.59
CA PRO B 284 2.68 8.07 18.98
C PRO B 284 2.89 9.48 19.50
N VAL B 285 4.06 9.77 20.04
CA VAL B 285 4.27 11.10 20.62
C VAL B 285 4.33 12.16 19.50
N PRO B 286 5.31 12.07 18.58
CA PRO B 286 5.28 13.11 17.54
C PRO B 286 4.07 13.01 16.61
N ALA B 287 3.55 11.80 16.39
CA ALA B 287 2.38 11.66 15.51
C ALA B 287 1.16 12.31 16.14
N SER B 288 1.00 12.10 17.45
CA SER B 288 -0.15 12.65 18.15
C SER B 288 0.00 14.16 18.24
N LYS B 289 1.20 14.64 18.54
CA LYS B 289 1.37 16.11 18.64
C LYS B 289 1.05 16.76 17.29
N LEU B 290 1.49 16.14 16.19
CA LEU B 290 1.21 16.71 14.87
C LEU B 290 -0.29 16.68 14.52
N ALA B 291 -0.93 15.55 14.82
CA ALA B 291 -2.36 15.45 14.55
C ALA B 291 -3.15 16.47 15.39
N LEU B 292 -2.74 16.65 16.64
CA LEU B 292 -3.43 17.62 17.51
C LEU B 292 -3.21 19.02 16.94
N LYS B 293 -1.98 19.36 16.56
CA LYS B 293 -1.70 20.69 16.01
C LYS B 293 -2.57 20.92 14.77
N LYS B 294 -2.61 19.92 13.89
CA LYS B 294 -3.38 20.07 12.67
C LYS B 294 -4.88 20.22 12.95
N ALA B 295 -5.34 19.66 14.06
CA ALA B 295 -6.75 19.72 14.45
C ALA B 295 -7.09 20.99 15.21
N GLY B 296 -6.09 21.80 15.54
CA GLY B 296 -6.35 22.96 16.40
C GLY B 296 -6.70 22.61 17.83
N LEU B 297 -6.24 21.45 18.30
CA LEU B 297 -6.60 20.97 19.64
C LEU B 297 -5.38 20.69 20.50
N SER B 298 -5.60 20.55 21.79
CA SER B 298 -4.58 20.01 22.69
CA SER B 298 -4.58 20.01 22.70
C SER B 298 -4.98 18.61 23.16
N ALA B 299 -4.04 17.89 23.77
CA ALA B 299 -4.35 16.55 24.29
C ALA B 299 -5.50 16.62 25.28
N SER B 300 -5.60 17.74 26.01
CA SER B 300 -6.68 17.88 26.97
C SER B 300 -8.09 17.95 26.33
N ASP B 301 -8.16 18.27 25.05
CA ASP B 301 -9.47 18.31 24.37
C ASP B 301 -10.01 16.94 24.04
N ILE B 302 -9.11 15.97 24.01
CA ILE B 302 -9.48 14.63 23.60
C ILE B 302 -10.16 13.95 24.75
N ASP B 303 -11.33 13.37 24.49
CA ASP B 303 -12.09 12.66 25.51
C ASP B 303 -11.77 11.16 25.61
N VAL B 304 -11.37 10.56 24.49
CA VAL B 304 -11.06 9.13 24.49
C VAL B 304 -9.84 8.93 23.58
N PHE B 305 -8.87 8.16 24.08
CA PHE B 305 -7.65 7.83 23.37
C PHE B 305 -7.60 6.33 23.12
N GLU B 306 -7.14 5.93 21.95
CA GLU B 306 -6.75 4.56 21.69
C GLU B 306 -5.30 4.64 21.25
N MSE B 307 -4.45 4.03 22.05
CA MSE B 307 -3.02 4.03 21.77
C MSE B 307 -2.57 2.57 21.73
O MSE B 307 -2.73 1.85 22.71
CB MSE B 307 -2.28 4.80 22.85
CG MSE B 307 -2.82 6.23 22.98
SE MSE B 307 -2.02 7.20 24.47
CE MSE B 307 -0.19 7.17 23.72
N ASN B 308 -2.02 2.13 20.61
CA ASN B 308 -1.80 0.72 20.47
C ASN B 308 -0.77 0.16 21.45
N GLU B 309 -1.12 -0.95 22.09
CA GLU B 309 -0.31 -1.56 23.12
C GLU B 309 0.66 -2.57 22.57
N ALA B 310 1.63 -2.12 21.78
CA ALA B 310 2.68 -3.05 21.34
C ALA B 310 3.47 -3.61 22.54
N PHE B 311 3.88 -2.73 23.43
CA PHE B 311 4.49 -3.11 24.70
C PHE B 311 4.06 -2.14 25.77
N ALA B 312 3.73 -2.63 26.97
CA ALA B 312 3.47 -1.70 28.09
C ALA B 312 4.70 -0.79 28.29
N ALA B 313 5.88 -1.33 28.05
CA ALA B 313 7.12 -0.57 28.27
C ALA B 313 7.28 0.62 27.31
N GLN B 314 6.51 0.64 26.23
CA GLN B 314 6.56 1.75 25.30
C GLN B 314 5.35 2.64 25.36
N ILE B 315 4.17 2.07 25.57
CA ILE B 315 2.98 2.90 25.58
C ILE B 315 2.94 3.79 26.84
N LEU B 316 3.38 3.26 27.98
CA LEU B 316 3.44 4.07 29.19
C LEU B 316 4.33 5.31 29.05
N PRO B 317 5.57 5.17 28.52
CA PRO B 317 6.35 6.38 28.27
C PRO B 317 5.69 7.37 27.33
N CYS B 318 5.04 6.89 26.27
CA CYS B 318 4.31 7.77 25.36
C CYS B 318 3.20 8.53 26.09
N ILE B 319 2.45 7.82 26.93
CA ILE B 319 1.37 8.43 27.71
C ILE B 319 1.96 9.50 28.62
N LYS B 320 3.09 9.19 29.24
CA LYS B 320 3.76 10.13 30.18
C LYS B 320 4.20 11.38 29.42
N ASP B 321 4.80 11.18 28.25
CA ASP B 321 5.33 12.27 27.42
C ASP B 321 4.25 13.18 26.84
N LEU B 322 3.05 12.65 26.63
CA LEU B 322 1.94 13.44 26.12
C LEU B 322 1.19 14.14 27.25
N GLY B 323 1.62 13.85 28.49
CA GLY B 323 1.03 14.46 29.68
C GLY B 323 -0.25 13.81 30.14
N LEU B 324 -0.40 12.52 29.85
CA LEU B 324 -1.69 11.84 30.05
C LEU B 324 -1.73 10.83 31.21
N MSE B 325 -0.67 10.76 32.02
CA MSE B 325 -0.56 9.68 32.99
C MSE B 325 -1.74 9.68 33.96
O MSE B 325 -2.26 8.62 34.29
CB MSE B 325 0.79 9.69 33.73
CG MSE B 325 1.14 8.38 34.38
SE MSE B 325 1.44 6.95 33.07
CE MSE B 325 3.19 7.45 32.46
N GLU B 326 -2.20 10.85 34.37
CA GLU B 326 -3.31 10.87 35.34
C GLU B 326 -4.67 10.67 34.69
N GLN B 327 -4.68 10.61 33.37
CA GLN B 327 -5.93 10.39 32.64
C GLN B 327 -6.13 8.98 32.14
N ILE B 328 -5.21 8.08 32.49
CA ILE B 328 -5.22 6.75 31.90
C ILE B 328 -6.56 6.08 32.18
N ASP B 329 -7.02 6.15 33.42
CA ASP B 329 -8.22 5.39 33.74
C ASP B 329 -9.53 6.05 33.29
N GLU B 330 -9.47 7.34 33.02
CA GLU B 330 -10.63 8.06 32.52
C GLU B 330 -10.76 7.96 30.99
N LYS B 331 -9.62 7.91 30.31
CA LYS B 331 -9.64 8.15 28.87
C LYS B 331 -8.96 7.16 27.95
N ILE B 332 -8.05 6.33 28.47
CA ILE B 332 -7.13 5.60 27.60
C ILE B 332 -7.41 4.11 27.52
N ASN B 333 -7.59 3.62 26.28
CA ASN B 333 -7.75 2.17 26.04
C ASN B 333 -8.77 1.61 27.03
N LEU B 334 -9.96 2.20 27.02
CA LEU B 334 -10.95 1.92 28.08
C LEU B 334 -11.51 0.52 27.98
N ASN B 335 -11.45 -0.10 26.79
CA ASN B 335 -11.85 -1.49 26.62
C ASN B 335 -10.66 -2.46 26.47
N GLY B 336 -9.53 -2.03 27.01
CA GLY B 336 -8.27 -2.78 26.90
C GLY B 336 -7.63 -2.49 25.56
N GLY B 337 -6.59 -3.24 25.24
CA GLY B 337 -5.82 -3.00 24.04
C GLY B 337 -5.09 -4.25 23.60
N ALA B 338 -4.04 -4.05 22.80
CA ALA B 338 -3.37 -5.17 22.13
C ALA B 338 -2.72 -6.18 23.05
N ILE B 339 -2.45 -5.82 24.29
CA ILE B 339 -1.92 -6.83 25.22
C ILE B 339 -2.95 -7.94 25.39
N ALA B 340 -4.21 -7.54 25.54
CA ALA B 340 -5.32 -8.47 25.63
C ALA B 340 -5.86 -8.93 24.29
N LEU B 341 -5.89 -8.03 23.30
CA LEU B 341 -6.62 -8.32 22.02
C LEU B 341 -5.70 -8.73 20.87
N GLY B 342 -4.39 -8.57 21.06
CA GLY B 342 -3.45 -8.88 19.99
C GLY B 342 -3.18 -7.70 19.07
N HIS B 343 -2.14 -7.85 18.26
CA HIS B 343 -1.70 -6.82 17.35
C HIS B 343 -1.51 -7.45 15.94
N PRO B 344 -2.61 -7.86 15.31
CA PRO B 344 -2.55 -8.34 13.92
C PRO B 344 -2.24 -7.15 13.01
N LEU B 345 -0.98 -7.02 12.61
CA LEU B 345 -0.48 -5.76 12.09
C LEU B 345 -1.45 -5.06 11.13
N GLY B 346 -1.79 -5.72 10.04
CA GLY B 346 -2.59 -5.07 8.99
C GLY B 346 -3.93 -4.53 9.49
N CYS B 347 -4.48 -5.19 10.50
CA CYS B 347 -5.82 -4.90 10.96
C CYS B 347 -5.84 -3.84 12.08
N SER B 348 -4.71 -3.68 12.76
CA SER B 348 -4.72 -2.90 14.01
C SER B 348 -5.16 -1.44 13.87
N GLY B 349 -4.76 -0.76 12.81
CA GLY B 349 -5.15 0.64 12.64
C GLY B 349 -6.66 0.81 12.58
N ALA B 350 -7.31 0.01 11.75
CA ALA B 350 -8.76 0.07 11.67
C ALA B 350 -9.43 -0.52 12.92
N ARG B 351 -8.78 -1.47 13.58
CA ARG B 351 -9.36 -2.08 14.79
C ARG B 351 -9.43 -1.04 15.90
N ILE B 352 -8.34 -0.33 16.16
CA ILE B 352 -8.39 0.65 17.24
C ILE B 352 -9.29 1.84 16.86
N SER B 353 -9.38 2.19 15.58
CA SER B 353 -10.28 3.26 15.15
C SER B 353 -11.72 2.82 15.40
N THR B 354 -12.01 1.54 15.14
CA THR B 354 -13.37 0.98 15.34
C THR B 354 -13.71 0.96 16.85
N THR B 355 -12.76 0.46 17.64
CA THR B 355 -12.96 0.50 19.09
C THR B 355 -13.14 1.93 19.63
N LEU B 356 -12.33 2.85 19.12
CA LEU B 356 -12.41 4.26 19.54
C LEU B 356 -13.80 4.85 19.23
N ILE B 357 -14.28 4.67 18.02
CA ILE B 357 -15.57 5.26 17.64
C ILE B 357 -16.73 4.74 18.50
N ASN B 358 -16.73 3.43 18.76
CA ASN B 358 -17.76 2.88 19.64
C ASN B 358 -17.68 3.43 21.07
N LEU B 359 -16.48 3.60 21.59
CA LEU B 359 -16.31 4.21 22.91
C LEU B 359 -16.72 5.67 22.90
N MSE B 360 -16.36 6.40 21.85
CA MSE B 360 -16.82 7.81 21.73
C MSE B 360 -18.35 7.91 21.82
O MSE B 360 -18.86 8.83 22.43
CB MSE B 360 -16.34 8.49 20.47
CG MSE B 360 -14.84 8.78 20.44
SE MSE B 360 -14.28 9.42 18.70
CE MSE B 360 -15.15 11.19 18.73
N GLU B 361 -19.06 6.99 21.18
CA GLU B 361 -20.50 7.02 21.17
C GLU B 361 -21.02 6.75 22.57
N ARG B 362 -20.48 5.73 23.22
CA ARG B 362 -20.96 5.39 24.54
CA ARG B 362 -20.90 5.36 24.57
C ARG B 362 -20.62 6.44 25.60
N LYS B 363 -19.53 7.17 25.41
CA LYS B 363 -19.10 8.20 26.37
C LYS B 363 -19.62 9.59 25.95
N ASP B 364 -20.34 9.65 24.82
CA ASP B 364 -20.76 10.90 24.19
C ASP B 364 -19.60 11.88 24.08
N ALA B 365 -18.49 11.38 23.57
CA ALA B 365 -17.28 12.17 23.40
C ALA B 365 -17.35 13.05 22.17
N GLN B 366 -16.77 14.26 22.25
CA GLN B 366 -16.68 15.14 21.11
C GLN B 366 -15.45 14.82 20.26
N PHE B 367 -14.33 14.49 20.93
CA PHE B 367 -13.08 14.26 20.22
C PHE B 367 -12.45 12.95 20.69
N GLY B 368 -11.86 12.22 19.74
CA GLY B 368 -11.09 11.00 20.01
C GLY B 368 -9.77 11.01 19.24
N LEU B 369 -8.75 10.34 19.77
CA LEU B 369 -7.50 10.26 19.05
C LEU B 369 -7.07 8.81 19.05
N ALA B 370 -6.73 8.31 17.86
CA ALA B 370 -6.19 6.96 17.78
C ALA B 370 -4.79 7.08 17.22
N THR B 371 -3.86 6.36 17.84
CA THR B 371 -2.48 6.51 17.44
C THR B 371 -1.71 5.25 17.71
N MSE B 372 -0.63 5.07 16.97
CA MSE B 372 0.17 3.86 17.15
C MSE B 372 1.59 4.04 16.68
O MSE B 372 1.88 4.80 15.73
CB MSE B 372 -0.48 2.69 16.42
CG MSE B 372 -0.53 2.86 14.92
SE MSE B 372 -2.13 2.16 14.14
CE MSE B 372 -1.99 0.41 14.89
N CYS B 373 2.47 3.26 17.32
CA CYS B 373 3.83 3.13 16.84
C CYS B 373 3.89 2.21 15.61
N ILE B 374 4.96 2.33 14.86
CA ILE B 374 5.17 1.56 13.65
C ILE B 374 6.62 1.11 13.65
N GLY B 375 6.81 -0.15 13.32
CA GLY B 375 8.15 -0.72 13.22
C GLY B 375 9.11 0.10 12.39
N LEU B 376 10.38 0.02 12.81
CA LEU B 376 11.46 0.78 12.18
CA LEU B 376 11.47 0.77 12.18
C LEU B 376 11.24 2.29 12.24
N GLY B 377 10.56 2.74 13.28
CA GLY B 377 10.52 4.15 13.59
C GLY B 377 9.52 4.97 12.78
N GLN B 378 8.24 4.64 12.88
CA GLN B 378 7.27 5.61 12.42
C GLN B 378 6.16 5.74 13.42
N GLY B 379 5.24 6.66 13.17
CA GLY B 379 4.04 6.83 14.02
C GLY B 379 2.94 7.37 13.16
N ILE B 380 1.70 7.05 13.52
CA ILE B 380 0.56 7.52 12.74
C ILE B 380 -0.58 7.83 13.71
N ALA B 381 -1.38 8.87 13.42
CA ALA B 381 -2.47 9.26 14.35
C ALA B 381 -3.61 9.83 13.54
N THR B 382 -4.82 9.72 14.11
CA THR B 382 -6.02 10.32 13.54
C THR B 382 -6.80 10.92 14.67
N VAL B 383 -7.24 12.17 14.49
CA VAL B 383 -8.22 12.75 15.38
C VAL B 383 -9.59 12.64 14.74
N PHE B 384 -10.53 12.08 15.50
CA PHE B 384 -11.92 11.95 15.09
C PHE B 384 -12.80 12.91 15.89
N GLU B 385 -13.89 13.34 15.30
CA GLU B 385 -14.84 14.30 15.91
C GLU B 385 -16.24 13.79 15.77
N ARG B 386 -17.04 13.96 16.81
CA ARG B 386 -18.44 13.62 16.77
C ARG B 386 -19.08 14.93 16.88
N VAL B 387 -19.60 15.44 15.79
CA VAL B 387 -20.63 14.87 14.98
C VAL B 387 -20.34 14.15 13.64
CL CL C . 14.63 12.42 -16.25
CL CL D . 4.35 21.65 -16.15
CA CA E . -25.61 1.44 11.64
CA CA F . -14.43 19.32 25.53
NA NA G . -14.50 17.81 12.26
#